data_3D2L
#
_entry.id   3D2L
#
_cell.length_a   67.830
_cell.length_b   70.920
_cell.length_c   77.190
_cell.angle_alpha   116.570
_cell.angle_beta   104.630
_cell.angle_gamma   102.320
#
_symmetry.space_group_name_H-M   'P 1'
#
loop_
_entity.id
_entity.type
_entity.pdbx_description
1 polymer 'SAM-dependent methyltransferase'
2 non-polymer 'MAGNESIUM ION'
3 water water
#
_entity_poly.entity_id   1
_entity_poly.type   'polypeptide(L)'
_entity_poly.pdbx_seq_one_letter_code
;G(MSE)AYEQFAYVYDEL(MSE)QDVPYPEWVAWVLEQVEPGKRIADIGCGTGTATLLLADHYEVTGVDLSEE(MSE)LE
IAQEKA(MSE)ETNRHVDFWVQD(MSE)RELELPEPVDAITILCDSLNYLQTEADVKQTFDSAARLLTDGGKLLFDVHSP
YK(MSE)ETLFNGKTYATHAEQSSYIWFADPGEEPLSVVHELTFFIEGEDGRYDRVDETHHQRTYPPEQYITWLREAGFR
VCAVTGDFKSDAPTETAERIFFVAEKI
;
_entity_poly.pdbx_strand_id   A,B,C,D
#
# COMPACT_ATOMS: atom_id res chain seq x y z
N GLN A 6 -19.68 -40.23 33.11
CA GLN A 6 -19.77 -38.78 32.72
C GLN A 6 -19.60 -37.83 33.91
N PHE A 7 -18.32 -37.55 34.22
CA PHE A 7 -17.93 -36.65 35.30
C PHE A 7 -18.81 -35.39 35.39
N ALA A 8 -19.21 -34.84 34.24
CA ALA A 8 -20.00 -33.60 34.21
C ALA A 8 -21.25 -33.59 35.10
N TYR A 9 -21.85 -34.75 35.39
CA TYR A 9 -23.01 -34.78 36.33
C TYR A 9 -22.74 -34.28 37.76
N VAL A 10 -21.48 -34.30 38.18
CA VAL A 10 -21.13 -33.80 39.50
C VAL A 10 -21.48 -32.30 39.59
N TYR A 11 -21.46 -31.61 38.44
CA TYR A 11 -21.81 -30.20 38.41
C TYR A 11 -23.32 -30.02 38.57
N ASP A 12 -24.09 -30.92 37.97
CA ASP A 12 -25.55 -30.82 38.08
C ASP A 12 -26.00 -31.05 39.52
N GLU A 13 -25.31 -31.94 40.23
CA GLU A 13 -25.63 -32.17 41.62
C GLU A 13 -25.22 -30.94 42.42
N LEU A 14 -23.98 -30.48 42.29
CA LEU A 14 -23.56 -29.28 43.01
C LEU A 14 -24.58 -28.13 42.90
N GLN A 16 -28.02 -28.61 42.00
CA GLN A 16 -29.38 -29.10 42.00
C GLN A 16 -30.38 -28.12 42.62
N ASP A 17 -29.95 -27.34 43.62
CA ASP A 17 -30.79 -26.34 44.28
C ASP A 17 -30.66 -24.90 43.75
N VAL A 18 -29.83 -24.68 42.73
CA VAL A 18 -29.67 -23.36 42.10
C VAL A 18 -31.00 -23.02 41.41
N PRO A 19 -31.62 -21.89 41.76
CA PRO A 19 -32.94 -21.53 41.22
C PRO A 19 -32.86 -20.90 39.84
N TYR A 20 -32.46 -21.71 38.86
CA TYR A 20 -32.38 -21.30 37.46
C TYR A 20 -33.61 -20.62 36.92
N PRO A 21 -34.82 -21.07 37.32
CA PRO A 21 -35.97 -20.36 36.82
C PRO A 21 -36.02 -18.85 37.13
N GLU A 22 -35.30 -18.39 38.13
CA GLU A 22 -35.20 -16.97 38.44
C GLU A 22 -34.39 -16.23 37.36
N TRP A 23 -33.37 -16.88 36.81
CA TRP A 23 -32.63 -16.26 35.69
C TRP A 23 -33.52 -16.22 34.46
N VAL A 24 -34.25 -17.29 34.22
CA VAL A 24 -35.13 -17.39 33.07
C VAL A 24 -36.24 -16.36 33.17
N ALA A 25 -36.81 -16.16 34.37
CA ALA A 25 -37.86 -15.16 34.54
C ALA A 25 -37.35 -13.77 34.18
N TRP A 26 -36.07 -13.52 34.48
CA TRP A 26 -35.40 -12.25 34.16
C TRP A 26 -35.20 -12.07 32.66
N VAL A 27 -34.75 -13.12 31.97
CA VAL A 27 -34.57 -13.08 30.53
C VAL A 27 -35.94 -12.75 29.91
N LEU A 28 -37.00 -13.41 30.39
CA LEU A 28 -38.38 -13.17 29.88
C LEU A 28 -38.83 -11.70 29.99
N GLU A 29 -38.27 -10.96 30.96
CA GLU A 29 -38.57 -9.54 31.10
C GLU A 29 -37.88 -8.67 30.07
N GLN A 30 -36.79 -9.19 29.47
CA GLN A 30 -36.00 -8.43 28.52
C GLN A 30 -36.08 -8.86 27.07
N VAL A 31 -36.41 -10.14 26.81
CA VAL A 31 -36.41 -10.66 25.44
C VAL A 31 -37.73 -11.32 25.21
N GLU A 32 -38.46 -10.88 24.18
CA GLU A 32 -39.80 -11.44 23.89
C GLU A 32 -39.74 -12.93 23.63
N PRO A 33 -40.67 -13.70 24.24
CA PRO A 33 -40.65 -15.11 23.94
C PRO A 33 -40.76 -15.35 22.46
N GLY A 34 -40.21 -16.47 22.00
CA GLY A 34 -40.26 -16.80 20.57
C GLY A 34 -39.01 -16.35 19.80
N LYS A 35 -38.28 -15.41 20.36
CA LYS A 35 -37.04 -14.95 19.77
C LYS A 35 -35.91 -15.99 19.86
N ARG A 36 -34.85 -15.72 19.09
CA ARG A 36 -33.70 -16.58 18.93
C ARG A 36 -32.62 -16.09 19.85
N ILE A 37 -32.15 -17.00 20.69
CA ILE A 37 -31.13 -16.73 21.70
C ILE A 37 -29.94 -17.70 21.63
N ALA A 38 -28.75 -17.13 21.78
CA ALA A 38 -27.53 -17.91 21.95
C ALA A 38 -27.16 -17.78 23.44
N ASP A 39 -27.17 -18.91 24.12
CA ASP A 39 -26.81 -18.98 25.56
C ASP A 39 -25.41 -19.50 25.61
N ILE A 40 -24.50 -18.62 25.97
CA ILE A 40 -23.10 -18.92 25.91
C ILE A 40 -22.47 -19.19 27.28
N GLY A 41 -21.52 -20.09 27.31
CA GLY A 41 -20.94 -20.57 28.55
C GLY A 41 -22.01 -21.32 29.32
N CYS A 42 -22.81 -22.11 28.58
CA CYS A 42 -23.94 -22.75 29.13
C CYS A 42 -23.70 -23.97 30.00
N GLY A 43 -22.46 -24.43 30.13
CA GLY A 43 -22.13 -25.62 30.93
C GLY A 43 -22.97 -26.82 30.55
N THR A 44 -23.61 -27.44 31.52
CA THR A 44 -24.42 -28.61 31.27
C THR A 44 -25.84 -28.26 30.75
N GLY A 45 -26.07 -26.97 30.43
CA GLY A 45 -27.31 -26.50 29.79
C GLY A 45 -28.60 -26.53 30.58
N THR A 46 -28.51 -26.60 31.91
CA THR A 46 -29.71 -26.62 32.73
C THR A 46 -30.58 -25.37 32.44
N ALA A 47 -29.99 -24.17 32.41
CA ALA A 47 -30.74 -22.94 32.14
C ALA A 47 -31.11 -22.88 30.67
N THR A 48 -30.26 -23.42 29.80
CA THR A 48 -30.50 -23.42 28.35
C THR A 48 -31.77 -24.20 28.02
N LEU A 49 -31.94 -25.35 28.64
CA LEU A 49 -33.16 -26.16 28.44
C LEU A 49 -34.44 -25.47 28.92
N LEU A 50 -34.36 -24.71 30.03
CA LEU A 50 -35.50 -23.90 30.51
C LEU A 50 -35.81 -22.79 29.53
N LEU A 51 -34.76 -22.14 29.02
CA LEU A 51 -34.91 -21.12 27.99
C LEU A 51 -35.54 -21.68 26.73
N ALA A 52 -35.18 -22.91 26.37
CA ALA A 52 -35.72 -23.56 25.15
C ALA A 52 -37.26 -23.72 25.20
N ASP A 53 -37.82 -23.63 26.40
CA ASP A 53 -39.27 -23.66 26.55
C ASP A 53 -39.92 -22.34 26.16
N HIS A 54 -39.14 -21.30 25.90
CA HIS A 54 -39.70 -19.99 25.55
C HIS A 54 -39.12 -19.35 24.32
N TYR A 55 -37.97 -19.87 23.89
CA TYR A 55 -37.17 -19.27 22.83
C TYR A 55 -36.59 -20.34 21.91
N GLU A 56 -36.17 -19.95 20.71
CA GLU A 56 -35.38 -20.82 19.84
C GLU A 56 -33.94 -20.62 20.35
N VAL A 57 -33.38 -21.61 21.05
CA VAL A 57 -32.09 -21.45 21.72
C VAL A 57 -30.99 -22.31 21.18
N THR A 58 -29.79 -21.74 21.20
CA THR A 58 -28.59 -22.43 20.83
C THR A 58 -27.65 -22.25 22.00
N GLY A 59 -27.05 -23.34 22.48
CA GLY A 59 -26.09 -23.30 23.55
C GLY A 59 -24.65 -23.47 23.09
N VAL A 60 -23.73 -22.76 23.75
CA VAL A 60 -22.32 -22.82 23.42
C VAL A 60 -21.49 -22.88 24.70
N ASP A 61 -20.49 -23.77 24.72
CA ASP A 61 -19.55 -23.87 25.85
C ASP A 61 -18.20 -24.42 25.34
N LEU A 62 -17.11 -24.19 26.08
CA LEU A 62 -15.83 -24.75 25.70
C LEU A 62 -15.69 -26.23 26.08
N SER A 63 -16.57 -26.76 26.91
CA SER A 63 -16.46 -28.15 27.41
C SER A 63 -17.31 -29.18 26.68
N GLU A 64 -16.67 -30.05 25.93
CA GLU A 64 -17.35 -31.12 25.19
C GLU A 64 -18.15 -32.01 26.11
N GLU A 65 -17.58 -32.28 27.28
CA GLU A 65 -18.16 -33.17 28.28
C GLU A 65 -19.47 -32.60 28.86
N LEU A 67 -21.33 -30.33 27.31
CA LEU A 67 -22.29 -30.27 26.18
C LEU A 67 -22.90 -31.62 25.85
N GLU A 68 -22.16 -32.69 26.12
CA GLU A 68 -22.68 -34.05 25.95
C GLU A 68 -23.85 -34.31 26.89
N ILE A 69 -23.70 -33.90 28.15
CA ILE A 69 -24.77 -34.03 29.14
C ILE A 69 -25.93 -33.13 28.76
N ALA A 70 -25.64 -31.88 28.38
CA ALA A 70 -26.65 -30.92 27.90
C ALA A 70 -27.52 -31.55 26.82
N GLN A 71 -26.86 -32.13 25.83
CA GLN A 71 -27.56 -32.77 24.71
C GLN A 71 -28.41 -33.95 25.12
N GLU A 72 -27.85 -34.83 25.95
CA GLU A 72 -28.61 -35.97 26.42
C GLU A 72 -29.87 -35.56 27.17
N LYS A 73 -29.78 -34.52 28.00
CA LYS A 73 -30.91 -34.00 28.73
C LYS A 73 -31.94 -33.42 27.77
N ALA A 74 -31.49 -32.68 26.74
CA ALA A 74 -32.40 -32.14 25.72
C ALA A 74 -33.13 -33.28 24.99
N GLU A 76 -33.68 -36.35 26.01
CA GLU A 76 -34.59 -37.08 26.90
C GLU A 76 -35.89 -36.33 27.23
N THR A 77 -35.91 -35.02 26.97
CA THR A 77 -37.10 -34.21 27.24
C THR A 77 -37.70 -33.65 25.97
N ASN A 78 -37.33 -34.26 24.84
CA ASN A 78 -37.79 -33.88 23.52
C ASN A 78 -37.62 -32.41 23.16
N ARG A 79 -36.57 -31.75 23.66
CA ARG A 79 -36.31 -30.37 23.30
C ARG A 79 -35.33 -30.31 22.15
N HIS A 80 -35.51 -29.33 21.26
CA HIS A 80 -34.53 -29.11 20.19
C HIS A 80 -33.62 -27.95 20.54
N VAL A 81 -32.38 -28.28 20.85
CA VAL A 81 -31.41 -27.30 21.22
C VAL A 81 -30.04 -27.71 20.69
N ASP A 82 -29.51 -26.90 19.80
CA ASP A 82 -28.18 -27.12 19.24
C ASP A 82 -27.17 -26.67 20.29
N PHE A 83 -26.25 -27.55 20.67
CA PHE A 83 -25.12 -27.24 21.53
C PHE A 83 -23.84 -27.39 20.67
N TRP A 84 -23.02 -26.35 20.68
CA TRP A 84 -21.79 -26.33 19.93
C TRP A 84 -20.64 -25.95 20.83
N VAL A 85 -19.46 -26.51 20.53
CA VAL A 85 -18.22 -26.25 21.32
C VAL A 85 -17.59 -25.01 20.73
N GLN A 86 -17.58 -23.93 21.50
CA GLN A 86 -16.99 -22.68 21.05
C GLN A 86 -16.60 -21.87 22.26
N ASP A 87 -15.59 -21.06 22.08
CA ASP A 87 -15.07 -20.15 23.09
C ASP A 87 -15.92 -18.85 22.97
N ARG A 89 -15.19 -15.86 23.62
CA ARG A 89 -14.52 -14.75 22.95
C ARG A 89 -14.43 -14.80 21.45
N GLU A 90 -14.85 -15.89 20.84
CA GLU A 90 -14.79 -16.02 19.40
C GLU A 90 -16.01 -16.73 18.90
N LEU A 91 -17.19 -16.26 19.32
CA LEU A 91 -18.44 -16.87 18.87
C LEU A 91 -18.60 -16.76 17.39
N GLU A 92 -19.22 -17.77 16.81
CA GLU A 92 -19.49 -17.71 15.41
C GLU A 92 -20.64 -18.65 15.11
N LEU A 93 -21.80 -18.06 14.85
CA LEU A 93 -23.01 -18.79 14.54
C LEU A 93 -23.45 -18.38 13.16
N PRO A 94 -23.99 -19.34 12.39
CA PRO A 94 -24.42 -19.06 11.03
C PRO A 94 -25.76 -18.34 10.93
N GLU A 95 -26.70 -18.74 11.78
CA GLU A 95 -28.04 -18.14 11.77
C GLU A 95 -28.07 -16.94 12.71
N PRO A 96 -28.94 -15.97 12.41
CA PRO A 96 -29.03 -14.75 13.23
C PRO A 96 -29.63 -14.98 14.61
N VAL A 97 -29.18 -14.20 15.60
CA VAL A 97 -29.81 -14.27 16.94
C VAL A 97 -30.23 -12.89 17.39
N ASP A 98 -31.34 -12.87 18.13
CA ASP A 98 -31.93 -11.68 18.67
C ASP A 98 -31.36 -11.31 20.01
N ALA A 99 -30.82 -12.28 20.73
CA ALA A 99 -30.22 -12.01 22.05
C ALA A 99 -29.14 -13.02 22.38
N ILE A 100 -28.17 -12.57 23.17
CA ILE A 100 -27.11 -13.40 23.73
C ILE A 100 -27.23 -13.36 25.23
N THR A 101 -27.23 -14.55 25.86
CA THR A 101 -27.25 -14.63 27.30
C THR A 101 -25.97 -15.28 27.80
N ILE A 102 -25.43 -14.70 28.87
CA ILE A 102 -24.21 -15.23 29.49
C ILE A 102 -24.53 -15.24 30.97
N LEU A 103 -25.04 -16.36 31.40
CA LEU A 103 -25.66 -16.47 32.71
C LEU A 103 -24.86 -17.17 33.78
N CYS A 104 -25.29 -16.89 35.02
CA CYS A 104 -24.74 -17.51 36.23
C CYS A 104 -23.24 -17.32 36.37
N ASP A 105 -22.80 -16.07 36.28
CA ASP A 105 -21.39 -15.68 36.43
C ASP A 105 -20.41 -16.40 35.50
N SER A 106 -20.91 -16.93 34.39
CA SER A 106 -20.07 -17.55 33.39
CA SER A 106 -20.03 -17.56 33.40
C SER A 106 -19.06 -16.56 32.81
N LEU A 107 -19.46 -15.30 32.70
CA LEU A 107 -18.56 -14.27 32.16
C LEU A 107 -17.37 -14.09 33.04
N ASN A 108 -17.56 -14.34 34.34
CA ASN A 108 -16.45 -14.20 35.29
C ASN A 108 -15.28 -15.18 35.17
N TYR A 109 -15.42 -16.23 34.37
CA TYR A 109 -14.35 -17.16 34.14
C TYR A 109 -13.28 -16.57 33.23
N LEU A 110 -13.59 -15.47 32.53
CA LEU A 110 -12.61 -14.81 31.70
C LEU A 110 -11.51 -14.32 32.58
N GLN A 111 -10.29 -14.31 32.06
CA GLN A 111 -9.15 -13.99 32.90
C GLN A 111 -8.57 -12.60 32.75
N THR A 112 -8.75 -11.97 31.60
CA THR A 112 -8.14 -10.67 31.35
C THR A 112 -9.19 -9.68 30.89
N GLU A 113 -8.80 -8.43 30.90
CA GLU A 113 -9.62 -7.35 30.39
C GLU A 113 -9.83 -7.57 28.89
N ALA A 114 -8.76 -7.97 28.19
CA ALA A 114 -8.84 -8.25 26.75
C ALA A 114 -9.87 -9.29 26.41
N ASP A 115 -9.92 -10.36 27.21
CA ASP A 115 -10.89 -11.43 27.01
C ASP A 115 -12.31 -10.93 27.05
N VAL A 116 -12.60 -10.03 27.99
CA VAL A 116 -13.93 -9.45 28.11
C VAL A 116 -14.25 -8.56 26.85
N LYS A 117 -13.29 -7.77 26.39
CA LYS A 117 -13.51 -6.91 25.21
C LYS A 117 -13.71 -7.79 23.98
N GLN A 118 -12.95 -8.88 23.90
CA GLN A 118 -13.11 -9.84 22.78
C GLN A 118 -14.48 -10.46 22.82
N THR A 119 -14.91 -10.84 24.03
CA THR A 119 -16.28 -11.42 24.17
C THR A 119 -17.38 -10.44 23.72
N PHE A 120 -17.28 -9.21 24.17
CA PHE A 120 -18.27 -8.20 23.81
C PHE A 120 -18.30 -7.86 22.32
N ASP A 121 -17.11 -7.73 21.71
CA ASP A 121 -17.01 -7.56 20.25
C ASP A 121 -17.62 -8.72 19.49
N SER A 122 -17.39 -9.94 19.96
CA SER A 122 -17.96 -11.13 19.33
CA SER A 122 -17.97 -11.13 19.30
C SER A 122 -19.48 -11.10 19.41
N ALA A 123 -19.98 -10.70 20.58
CA ALA A 123 -21.43 -10.59 20.81
C ALA A 123 -22.02 -9.56 19.83
N ALA A 124 -21.36 -8.42 19.70
CA ALA A 124 -21.82 -7.35 18.84
C ALA A 124 -21.87 -7.77 17.37
N ARG A 125 -20.89 -8.59 16.96
CA ARG A 125 -20.88 -9.05 15.57
C ARG A 125 -22.03 -10.00 15.27
N LEU A 126 -22.45 -10.77 16.26
CA LEU A 126 -23.53 -11.76 16.10
C LEU A 126 -24.95 -11.17 16.18
N LEU A 127 -25.11 -10.02 16.81
CA LEU A 127 -26.40 -9.40 16.95
C LEU A 127 -26.57 -8.33 15.89
N THR A 128 -27.82 -8.06 15.49
CA THR A 128 -28.06 -6.91 14.64
C THR A 128 -28.68 -5.83 15.51
N ASP A 129 -29.03 -4.70 14.89
CA ASP A 129 -29.63 -3.56 15.55
C ASP A 129 -30.81 -4.00 16.43
N GLY A 130 -30.76 -3.64 17.71
CA GLY A 130 -31.83 -4.01 18.61
C GLY A 130 -31.58 -5.30 19.36
N GLY A 131 -30.60 -6.09 18.94
CA GLY A 131 -30.32 -7.35 19.65
C GLY A 131 -29.85 -7.05 21.06
N LYS A 132 -30.13 -7.94 21.99
CA LYS A 132 -29.74 -7.72 23.36
C LYS A 132 -28.65 -8.64 23.83
N LEU A 133 -27.85 -8.14 24.76
CA LEU A 133 -26.82 -8.89 25.46
C LEU A 133 -27.17 -8.80 26.93
N LEU A 134 -27.36 -9.97 27.54
CA LEU A 134 -27.70 -10.10 28.95
C LEU A 134 -26.67 -10.95 29.64
N PHE A 135 -26.20 -10.51 30.79
CA PHE A 135 -25.28 -11.28 31.61
C PHE A 135 -25.35 -10.82 33.07
N ASP A 136 -24.99 -11.76 33.96
CA ASP A 136 -24.93 -11.47 35.39
C ASP A 136 -23.56 -11.89 35.89
N VAL A 137 -23.02 -11.08 36.81
CA VAL A 137 -21.67 -11.27 37.34
C VAL A 137 -21.61 -11.05 38.81
N HIS A 138 -20.54 -11.53 39.43
CA HIS A 138 -20.29 -11.28 40.83
C HIS A 138 -20.00 -9.80 41.02
N SER A 139 -20.43 -9.28 42.17
CA SER A 139 -20.13 -7.93 42.57
C SER A 139 -18.79 -7.99 43.26
N PRO A 140 -18.08 -6.85 43.32
CA PRO A 140 -16.85 -6.76 44.14
C PRO A 140 -17.07 -7.19 45.60
N TYR A 141 -18.22 -6.83 46.17
CA TYR A 141 -18.57 -7.19 47.55
C TYR A 141 -18.58 -8.70 47.79
N LYS A 142 -19.14 -9.46 46.85
CA LYS A 142 -19.17 -10.94 46.94
C LYS A 142 -17.77 -11.50 46.99
N GLU A 144 -15.16 -10.03 48.04
CA GLU A 144 -14.54 -9.66 49.31
CA GLU A 144 -14.56 -9.64 49.31
C GLU A 144 -15.18 -10.33 50.54
N THR A 145 -16.31 -11.02 50.37
CA THR A 145 -16.98 -11.71 51.48
C THR A 145 -17.08 -13.24 51.31
N LEU A 146 -18.00 -13.70 50.44
CA LEU A 146 -18.27 -15.13 50.24
C LEU A 146 -17.13 -15.94 49.61
N PHE A 147 -16.23 -15.24 48.91
CA PHE A 147 -15.09 -15.91 48.30
C PHE A 147 -13.78 -15.51 48.97
N ASN A 148 -13.88 -14.96 50.17
CA ASN A 148 -12.71 -14.48 50.92
C ASN A 148 -12.26 -15.49 52.00
N GLY A 149 -11.69 -16.61 51.53
CA GLY A 149 -11.21 -17.67 52.43
C GLY A 149 -12.32 -18.49 53.07
N LYS A 150 -13.31 -18.88 52.27
CA LYS A 150 -14.44 -19.68 52.75
C LYS A 150 -14.38 -21.14 52.27
N THR A 151 -15.01 -22.02 53.04
CA THR A 151 -15.10 -23.42 52.70
C THR A 151 -16.55 -23.84 52.55
N TYR A 152 -16.84 -24.51 51.45
CA TYR A 152 -18.17 -25.04 51.15
C TYR A 152 -18.07 -26.52 50.88
N ALA A 153 -19.06 -27.27 51.34
CA ALA A 153 -19.03 -28.70 51.09
C ALA A 153 -20.39 -29.28 51.25
N THR A 154 -20.68 -30.30 50.45
CA THR A 154 -21.93 -31.00 50.58
C THR A 154 -21.90 -32.37 49.92
N HIS A 155 -22.91 -33.13 50.27
CA HIS A 155 -23.09 -34.47 49.77
C HIS A 155 -24.34 -34.50 48.90
N ALA A 156 -24.25 -35.14 47.73
CA ALA A 156 -25.39 -35.39 46.87
C ALA A 156 -25.45 -36.90 46.72
N GLU A 157 -26.38 -37.42 45.92
CA GLU A 157 -26.48 -38.88 45.76
C GLU A 157 -25.24 -39.57 45.17
N GLN A 158 -24.65 -39.01 44.11
CA GLN A 158 -23.54 -39.68 43.42
C GLN A 158 -22.14 -39.17 43.76
N SER A 159 -22.06 -37.99 44.37
CA SER A 159 -20.80 -37.39 44.70
C SER A 159 -20.91 -36.42 45.89
N SER A 160 -19.74 -36.08 46.43
CA SER A 160 -19.57 -35.10 47.50
C SER A 160 -18.43 -34.20 47.03
N TYR A 161 -18.41 -32.95 47.49
CA TYR A 161 -17.35 -32.01 47.15
C TYR A 161 -16.95 -31.15 48.32
N ILE A 162 -15.71 -30.68 48.23
CA ILE A 162 -15.13 -29.74 49.17
C ILE A 162 -14.63 -28.62 48.25
N TRP A 163 -15.09 -27.42 48.54
CA TRP A 163 -14.79 -26.24 47.76
C TRP A 163 -14.21 -25.14 48.63
N PHE A 164 -12.97 -24.75 48.32
CA PHE A 164 -12.31 -23.65 48.99
C PHE A 164 -12.32 -22.46 48.03
N ALA A 165 -12.73 -21.31 48.53
CA ALA A 165 -12.83 -20.11 47.73
C ALA A 165 -11.94 -19.10 48.41
N ASP A 166 -10.86 -18.71 47.71
CA ASP A 166 -9.86 -17.78 48.23
C ASP A 166 -9.51 -16.67 47.24
N PRO A 167 -9.09 -15.48 47.73
CA PRO A 167 -8.73 -14.43 46.76
C PRO A 167 -7.58 -14.86 45.84
N GLY A 168 -7.62 -14.43 44.59
CA GLY A 168 -6.56 -14.74 43.63
C GLY A 168 -5.53 -13.63 43.73
N GLU A 169 -4.64 -13.57 42.74
CA GLU A 169 -3.56 -12.58 42.73
C GLU A 169 -4.03 -11.21 42.25
N GLU A 170 -4.87 -11.20 41.22
CA GLU A 170 -5.42 -9.94 40.73
C GLU A 170 -6.54 -9.41 41.63
N PRO A 171 -6.79 -8.10 41.61
CA PRO A 171 -7.89 -7.58 42.39
C PRO A 171 -9.23 -8.16 41.96
N LEU A 172 -10.10 -8.40 42.94
CA LEU A 172 -11.45 -8.93 42.67
C LEU A 172 -11.42 -10.27 41.92
N SER A 173 -10.45 -11.11 42.27
CA SER A 173 -10.32 -12.45 41.68
C SER A 173 -10.46 -13.50 42.77
N VAL A 174 -10.83 -14.70 42.37
CA VAL A 174 -11.03 -15.82 43.28
C VAL A 174 -10.47 -17.05 42.61
N VAL A 175 -9.86 -17.93 43.41
CA VAL A 175 -9.38 -19.24 43.00
C VAL A 175 -10.30 -20.23 43.71
N HIS A 176 -11.05 -21.01 42.95
CA HIS A 176 -11.93 -22.04 43.53
C HIS A 176 -11.23 -23.37 43.44
N GLU A 177 -10.84 -23.94 44.58
CA GLU A 177 -10.19 -25.25 44.62
C GLU A 177 -11.25 -26.25 44.96
N LEU A 178 -11.60 -27.07 43.97
CA LEU A 178 -12.63 -28.07 44.11
C LEU A 178 -12.05 -29.47 44.19
N THR A 179 -12.65 -30.29 45.06
CA THR A 179 -12.33 -31.71 45.15
C THR A 179 -13.67 -32.43 45.13
N PHE A 180 -13.85 -33.35 44.18
CA PHE A 180 -15.06 -34.19 44.10
C PHE A 180 -14.70 -35.61 44.49
N PHE A 181 -15.56 -36.25 45.26
CA PHE A 181 -15.44 -37.66 45.58
C PHE A 181 -16.64 -38.26 44.90
N ILE A 182 -16.40 -39.01 43.83
CA ILE A 182 -17.44 -39.62 43.03
C ILE A 182 -17.53 -41.09 43.35
N GLU A 183 -18.75 -41.54 43.64
CA GLU A 183 -19.02 -42.92 43.99
C GLU A 183 -18.95 -43.76 42.73
N GLY A 184 -18.28 -44.90 42.80
CA GLY A 184 -18.20 -45.81 41.67
C GLY A 184 -19.21 -46.92 41.81
N GLU A 185 -19.27 -47.77 40.77
CA GLU A 185 -20.18 -48.93 40.75
C GLU A 185 -20.02 -49.82 41.96
N ASP A 186 -18.80 -49.91 42.50
CA ASP A 186 -18.53 -50.77 43.69
C ASP A 186 -18.74 -50.09 45.05
N GLY A 187 -19.21 -48.83 45.06
CA GLY A 187 -19.47 -48.14 46.33
C GLY A 187 -18.26 -47.44 46.91
N ARG A 188 -17.11 -47.59 46.26
CA ARG A 188 -15.90 -46.87 46.67
C ARG A 188 -15.81 -45.60 45.84
N TYR A 189 -14.97 -44.68 46.29
CA TYR A 189 -14.89 -43.34 45.69
C TYR A 189 -13.64 -43.00 44.89
N ASP A 190 -13.87 -42.24 43.83
CA ASP A 190 -12.83 -41.73 42.96
C ASP A 190 -12.77 -40.22 43.16
N ARG A 191 -11.57 -39.72 43.39
CA ARG A 191 -11.33 -38.33 43.66
C ARG A 191 -10.92 -37.61 42.41
N VAL A 192 -11.50 -36.42 42.22
CA VAL A 192 -11.11 -35.51 41.12
C VAL A 192 -10.94 -34.11 41.71
N ASP A 193 -9.77 -33.51 41.49
CA ASP A 193 -9.45 -32.16 41.96
C ASP A 193 -9.43 -31.22 40.75
N GLU A 194 -10.06 -30.07 40.88
CA GLU A 194 -10.11 -29.03 39.83
C GLU A 194 -9.87 -27.65 40.41
N THR A 195 -9.29 -26.75 39.60
CA THR A 195 -9.07 -25.39 40.02
C THR A 195 -9.74 -24.50 38.96
N HIS A 196 -10.59 -23.61 39.44
CA HIS A 196 -11.33 -22.67 38.61
C HIS A 196 -10.96 -21.28 39.06
N HIS A 197 -10.90 -20.38 38.08
CA HIS A 197 -10.51 -19.01 38.31
C HIS A 197 -11.63 -18.08 37.89
N GLN A 198 -11.96 -17.13 38.74
CA GLN A 198 -12.94 -16.11 38.38
C GLN A 198 -12.45 -14.73 38.75
N ARG A 199 -12.89 -13.75 37.98
CA ARG A 199 -12.50 -12.40 38.19
C ARG A 199 -13.66 -11.47 37.82
N THR A 200 -13.81 -10.44 38.63
CA THR A 200 -14.82 -9.46 38.38
C THR A 200 -14.22 -8.06 38.44
N TYR A 201 -15.08 -7.09 38.11
CA TYR A 201 -14.77 -5.68 38.03
C TYR A 201 -15.94 -4.86 38.58
N PRO A 202 -15.67 -3.62 39.01
CA PRO A 202 -16.78 -2.75 39.36
C PRO A 202 -17.74 -2.63 38.16
N PRO A 203 -19.06 -2.53 38.41
CA PRO A 203 -20.00 -2.43 37.28
C PRO A 203 -19.66 -1.35 36.25
N GLU A 204 -19.15 -0.22 36.70
CA GLU A 204 -18.77 0.86 35.81
C GLU A 204 -17.72 0.42 34.76
N GLN A 205 -16.85 -0.52 35.11
CA GLN A 205 -15.84 -1.01 34.17
C GLN A 205 -16.52 -1.79 33.07
N TYR A 206 -17.48 -2.63 33.44
CA TYR A 206 -18.24 -3.38 32.46
C TYR A 206 -19.09 -2.48 31.53
N ILE A 207 -19.72 -1.45 32.08
CA ILE A 207 -20.51 -0.45 31.31
C ILE A 207 -19.60 0.19 30.28
N THR A 208 -18.39 0.57 30.66
CA THR A 208 -17.45 1.20 29.71
C THR A 208 -17.10 0.29 28.54
N TRP A 209 -16.80 -0.96 28.84
CA TRP A 209 -16.49 -1.94 27.83
C TRP A 209 -17.65 -2.20 26.93
N LEU A 210 -18.85 -2.31 27.50
CA LEU A 210 -20.06 -2.47 26.68
C LEU A 210 -20.22 -1.32 25.68
N ARG A 211 -20.09 -0.08 26.15
CA ARG A 211 -20.15 1.08 25.25
C ARG A 211 -19.03 1.04 24.19
N GLU A 212 -17.80 0.69 24.59
CA GLU A 212 -16.69 0.56 23.62
C GLU A 212 -17.01 -0.49 22.55
N ALA A 213 -17.77 -1.54 22.92
CA ALA A 213 -18.19 -2.60 21.98
C ALA A 213 -19.44 -2.29 21.15
N GLY A 214 -19.96 -1.09 21.29
CA GLY A 214 -21.11 -0.64 20.49
C GLY A 214 -22.49 -0.96 21.05
N PHE A 215 -22.59 -1.14 22.36
CA PHE A 215 -23.86 -1.42 23.04
C PHE A 215 -24.35 -0.20 23.82
N ARG A 216 -25.68 -0.08 23.90
CA ARG A 216 -26.32 0.86 24.78
C ARG A 216 -26.66 0.06 26.05
N VAL A 217 -26.14 0.49 27.18
CA VAL A 217 -26.46 -0.19 28.45
C VAL A 217 -27.84 0.28 28.90
N CYS A 218 -28.77 -0.67 29.01
CA CYS A 218 -30.15 -0.42 29.32
C CYS A 218 -30.46 -0.44 30.78
N ALA A 219 -29.87 -1.40 31.51
CA ALA A 219 -30.14 -1.58 32.91
C ALA A 219 -28.99 -2.32 33.61
N VAL A 220 -28.69 -1.87 34.84
CA VAL A 220 -27.70 -2.48 35.74
C VAL A 220 -28.46 -2.62 37.07
N THR A 221 -28.78 -3.87 37.42
CA THR A 221 -29.57 -4.16 38.59
C THR A 221 -28.93 -5.23 39.49
N GLY A 222 -29.35 -5.25 40.75
CA GLY A 222 -28.81 -6.17 41.72
C GLY A 222 -29.75 -7.25 42.21
N ASP A 223 -29.16 -8.42 42.41
CA ASP A 223 -29.79 -9.59 43.02
C ASP A 223 -31.24 -9.92 42.61
N PHE A 224 -31.49 -9.99 41.31
CA PHE A 224 -32.81 -10.35 40.77
C PHE A 224 -33.90 -9.32 41.01
N LYS A 225 -33.57 -8.16 41.57
CA LYS A 225 -34.54 -7.12 41.81
C LYS A 225 -34.41 -6.05 40.72
N SER A 226 -35.43 -5.20 40.61
CA SER A 226 -35.53 -4.13 39.61
C SER A 226 -34.63 -2.94 39.87
N ASP A 227 -34.11 -2.82 41.08
CA ASP A 227 -33.35 -1.64 41.46
C ASP A 227 -31.85 -1.75 41.19
N ALA A 228 -31.19 -0.59 41.13
CA ALA A 228 -29.75 -0.53 41.00
C ALA A 228 -29.15 -1.37 42.12
N PRO A 229 -27.91 -1.86 41.93
CA PRO A 229 -27.32 -2.68 43.00
C PRO A 229 -27.03 -1.93 44.30
N THR A 230 -27.28 -2.56 45.44
CA THR A 230 -26.94 -1.97 46.75
C THR A 230 -25.46 -2.26 46.98
N GLU A 231 -24.91 -1.70 48.05
CA GLU A 231 -23.49 -1.86 48.37
C GLU A 231 -23.16 -3.28 48.88
N THR A 232 -24.18 -4.02 49.27
CA THR A 232 -24.03 -5.38 49.74
C THR A 232 -24.64 -6.40 48.74
N ALA A 233 -24.90 -5.92 47.53
CA ALA A 233 -25.42 -6.79 46.46
C ALA A 233 -24.36 -7.86 46.12
N GLU A 234 -24.81 -9.06 45.81
CA GLU A 234 -23.92 -10.15 45.50
C GLU A 234 -23.81 -10.45 44.01
N ARG A 235 -24.88 -10.21 43.24
CA ARG A 235 -24.90 -10.54 41.82
C ARG A 235 -25.48 -9.34 41.05
N ILE A 236 -24.74 -8.90 40.04
CA ILE A 236 -25.12 -7.74 39.23
C ILE A 236 -25.54 -8.16 37.83
N PHE A 237 -26.72 -7.70 37.42
CA PHE A 237 -27.31 -8.06 36.16
C PHE A 237 -27.22 -6.91 35.20
N PHE A 238 -26.81 -7.19 33.97
CA PHE A 238 -26.66 -6.16 32.93
C PHE A 238 -27.52 -6.50 31.74
N VAL A 239 -28.19 -5.49 31.19
CA VAL A 239 -28.97 -5.63 29.98
C VAL A 239 -28.41 -4.57 29.09
N ALA A 240 -27.99 -4.97 27.89
CA ALA A 240 -27.41 -4.04 26.90
C ALA A 240 -28.01 -4.32 25.53
N GLU A 241 -28.07 -3.29 24.69
CA GLU A 241 -28.64 -3.47 23.36
C GLU A 241 -27.69 -2.96 22.27
N LYS A 242 -27.60 -3.71 21.17
CA LYS A 242 -26.71 -3.34 20.10
C LYS A 242 -27.24 -2.08 19.43
N ILE A 243 -26.38 -1.08 19.30
CA ILE A 243 -26.72 0.17 18.62
C ILE A 243 -26.70 -0.13 17.10
N GLN B 6 35.50 -18.35 -42.13
CA GLN B 6 35.07 -17.70 -40.84
C GLN B 6 34.35 -16.37 -41.09
N PHE B 7 33.03 -16.45 -41.23
CA PHE B 7 32.18 -15.29 -41.51
C PHE B 7 32.37 -14.13 -40.54
N ALA B 8 32.62 -14.44 -39.27
CA ALA B 8 32.76 -13.44 -38.20
C ALA B 8 33.86 -12.41 -38.46
N TYR B 9 34.83 -12.73 -39.32
CA TYR B 9 35.83 -11.71 -39.70
C TYR B 9 35.28 -10.47 -40.48
N VAL B 10 34.07 -10.56 -41.04
CA VAL B 10 33.44 -9.41 -41.72
C VAL B 10 33.14 -8.34 -40.68
N TYR B 11 32.95 -8.77 -39.43
CA TYR B 11 32.71 -7.81 -38.36
C TYR B 11 34.00 -7.05 -38.09
N ASP B 12 35.13 -7.77 -38.12
CA ASP B 12 36.44 -7.16 -37.89
C ASP B 12 36.75 -6.10 -38.96
N GLU B 13 36.34 -6.36 -40.21
CA GLU B 13 36.54 -5.40 -41.31
C GLU B 13 35.61 -4.18 -41.18
N LEU B 14 34.33 -4.43 -40.95
CA LEU B 14 33.42 -3.33 -40.71
C LEU B 14 33.97 -2.41 -39.58
N GLN B 16 37.27 -2.23 -38.53
CA GLN B 16 38.72 -2.00 -38.69
C GLN B 16 39.24 -0.59 -38.30
N ASP B 17 38.39 0.44 -38.42
CA ASP B 17 38.81 1.81 -38.06
C ASP B 17 38.24 2.31 -36.71
N VAL B 18 37.64 1.41 -35.93
CA VAL B 18 37.11 1.72 -34.62
C VAL B 18 38.31 1.89 -33.67
N PRO B 19 38.38 3.01 -32.91
CA PRO B 19 39.54 3.29 -32.06
C PRO B 19 39.45 2.59 -30.72
N TYR B 20 39.60 1.28 -30.75
CA TYR B 20 39.59 0.49 -29.55
C TYR B 20 40.49 0.96 -28.45
N PRO B 21 41.71 1.45 -28.79
CA PRO B 21 42.61 1.97 -27.77
C PRO B 21 42.03 3.07 -26.88
N GLU B 22 41.08 3.84 -27.42
CA GLU B 22 40.39 4.86 -26.62
C GLU B 22 39.52 4.22 -25.52
N TRP B 23 38.91 3.08 -25.80
CA TRP B 23 38.15 2.38 -24.77
C TRP B 23 39.11 1.81 -23.74
N VAL B 24 40.24 1.30 -24.21
CA VAL B 24 41.25 0.75 -23.32
C VAL B 24 41.83 1.81 -22.38
N ALA B 25 42.08 3.03 -22.87
CA ALA B 25 42.64 4.09 -22.04
C ALA B 25 41.67 4.44 -20.91
N TRP B 26 40.39 4.40 -21.22
CA TRP B 26 39.35 4.67 -20.20
C TRP B 26 39.35 3.62 -19.09
N VAL B 27 39.39 2.35 -19.47
CA VAL B 27 39.49 1.27 -18.49
C VAL B 27 40.72 1.46 -17.62
N LEU B 28 41.85 1.82 -18.22
CA LEU B 28 43.11 2.02 -17.49
C LEU B 28 43.05 3.14 -16.45
N GLU B 29 42.14 4.11 -16.64
CA GLU B 29 41.97 5.20 -15.68
C GLU B 29 41.11 4.75 -14.52
N GLN B 30 40.31 3.71 -14.72
CA GLN B 30 39.40 3.19 -13.69
C GLN B 30 39.84 1.93 -12.98
N VAL B 31 40.59 1.05 -13.64
CA VAL B 31 40.99 -0.22 -13.05
C VAL B 31 42.52 -0.31 -13.05
N GLU B 32 43.09 -0.60 -11.88
CA GLU B 32 44.53 -0.69 -11.74
C GLU B 32 45.04 -1.82 -12.59
N PRO B 33 46.06 -1.53 -13.41
CA PRO B 33 46.65 -2.57 -14.23
C PRO B 33 47.08 -3.80 -13.43
N GLY B 34 46.90 -4.97 -14.03
CA GLY B 34 47.29 -6.22 -13.39
C GLY B 34 46.14 -6.92 -12.71
N LYS B 35 45.02 -6.21 -12.57
CA LYS B 35 43.83 -6.79 -11.97
C LYS B 35 43.11 -7.69 -12.95
N ARG B 36 42.09 -8.37 -12.46
CA ARG B 36 41.36 -9.34 -13.25
C ARG B 36 40.06 -8.74 -13.72
N ILE B 37 39.84 -8.85 -15.03
CA ILE B 37 38.67 -8.31 -15.70
C ILE B 37 37.96 -9.37 -16.49
N ALA B 38 36.65 -9.37 -16.38
CA ALA B 38 35.81 -10.18 -17.25
C ALA B 38 35.24 -9.19 -18.29
N ASP B 39 35.55 -9.40 -19.57
CA ASP B 39 35.04 -8.55 -20.67
C ASP B 39 33.92 -9.34 -21.33
N ILE B 40 32.69 -8.86 -21.11
CA ILE B 40 31.45 -9.53 -21.49
CA ILE B 40 31.52 -9.59 -21.55
C ILE B 40 30.87 -8.98 -22.78
N GLY B 41 30.25 -9.85 -23.59
CA GLY B 41 29.73 -9.43 -24.88
C GLY B 41 30.96 -9.00 -25.67
N CYS B 42 32.05 -9.75 -25.58
CA CYS B 42 33.30 -9.35 -26.22
C CYS B 42 33.33 -9.57 -27.74
N GLY B 43 32.35 -10.28 -28.30
CA GLY B 43 32.35 -10.57 -29.75
C GLY B 43 33.64 -11.25 -30.14
N THR B 44 34.29 -10.74 -31.18
CA THR B 44 35.57 -11.28 -31.68
C THR B 44 36.80 -10.91 -30.85
N GLY B 45 36.60 -10.21 -29.72
CA GLY B 45 37.67 -9.96 -28.78
C GLY B 45 38.72 -8.97 -29.14
N THR B 46 38.43 -8.08 -30.09
CA THR B 46 39.43 -7.09 -30.46
C THR B 46 39.87 -6.26 -29.25
N ALA B 47 38.89 -5.77 -28.48
CA ALA B 47 39.19 -4.91 -27.32
C ALA B 47 39.74 -5.77 -26.19
N THR B 48 39.22 -6.99 -26.06
CA THR B 48 39.66 -7.94 -25.02
C THR B 48 41.17 -8.19 -25.11
N LEU B 49 41.67 -8.46 -26.30
CA LEU B 49 43.10 -8.71 -26.51
C LEU B 49 43.97 -7.50 -26.14
N LEU B 50 43.51 -6.29 -26.45
CA LEU B 50 44.18 -5.05 -26.01
C LEU B 50 44.22 -4.94 -24.47
N LEU B 51 43.10 -5.27 -23.83
CA LEU B 51 43.04 -5.30 -22.38
C LEU B 51 43.98 -6.36 -21.81
N ALA B 52 44.13 -7.50 -22.51
CA ALA B 52 44.99 -8.61 -22.05
C ALA B 52 46.45 -8.15 -21.90
N ASP B 53 46.80 -7.03 -22.50
CA ASP B 53 48.16 -6.52 -22.37
C ASP B 53 48.38 -5.78 -21.09
N HIS B 54 47.29 -5.45 -20.36
CA HIS B 54 47.41 -4.74 -19.07
C HIS B 54 46.76 -5.47 -17.88
N TYR B 55 45.88 -6.42 -18.18
CA TYR B 55 45.08 -7.11 -17.17
C TYR B 55 45.05 -8.60 -17.38
N GLU B 56 44.64 -9.33 -16.34
CA GLU B 56 44.37 -10.76 -16.49
C GLU B 56 42.93 -10.77 -16.98
N VAL B 57 42.71 -11.07 -18.26
CA VAL B 57 41.38 -10.96 -18.82
C VAL B 57 40.74 -12.28 -19.22
N THR B 58 39.43 -12.34 -18.99
CA THR B 58 38.53 -13.40 -19.43
C THR B 58 37.50 -12.71 -20.34
N GLY B 59 37.30 -13.26 -21.53
CA GLY B 59 36.31 -12.77 -22.48
C GLY B 59 35.15 -13.73 -22.51
N VAL B 60 33.93 -13.18 -22.61
CA VAL B 60 32.71 -13.96 -22.66
C VAL B 60 31.75 -13.39 -23.74
N ASP B 61 31.14 -14.30 -24.47
CA ASP B 61 30.15 -13.93 -25.48
C ASP B 61 29.24 -15.12 -25.69
N LEU B 62 28.06 -14.87 -26.25
CA LEU B 62 27.15 -15.93 -26.57
C LEU B 62 27.50 -16.64 -27.87
N SER B 63 28.24 -15.98 -28.76
CA SER B 63 28.56 -16.55 -30.09
C SER B 63 29.84 -17.38 -30.11
N GLU B 64 29.68 -18.70 -30.31
CA GLU B 64 30.80 -19.63 -30.41
C GLU B 64 31.71 -19.21 -31.55
N GLU B 65 31.10 -18.84 -32.66
CA GLU B 65 31.82 -18.47 -33.87
C GLU B 65 32.68 -17.22 -33.66
N LEU B 67 33.89 -16.26 -30.69
CA LEU B 67 34.94 -16.65 -29.72
C LEU B 67 36.03 -17.50 -30.33
N GLU B 68 35.70 -18.22 -31.40
CA GLU B 68 36.67 -19.01 -32.11
C GLU B 68 37.67 -18.08 -32.75
N ILE B 69 37.16 -17.04 -33.41
CA ILE B 69 38.02 -16.02 -34.00
C ILE B 69 38.86 -15.34 -32.92
N ALA B 70 38.19 -14.95 -31.83
CA ALA B 70 38.87 -14.31 -30.69
C ALA B 70 40.05 -15.15 -30.22
N GLN B 71 39.82 -16.45 -30.04
CA GLN B 71 40.86 -17.37 -29.60
C GLN B 71 42.03 -17.47 -30.58
N GLU B 72 41.69 -17.60 -31.86
CA GLU B 72 42.71 -17.69 -32.90
C GLU B 72 43.53 -16.39 -32.95
N LYS B 73 42.88 -15.24 -32.79
CA LYS B 73 43.62 -13.97 -32.70
C LYS B 73 44.52 -13.91 -31.44
N ALA B 74 44.05 -14.45 -30.30
CA ALA B 74 44.89 -14.47 -29.09
C ALA B 74 46.11 -15.34 -29.32
N GLU B 76 47.47 -16.24 -32.27
CA GLU B 76 48.30 -15.55 -33.26
C GLU B 76 49.15 -14.45 -32.67
N THR B 77 48.61 -13.74 -31.68
CA THR B 77 49.32 -12.62 -31.05
C THR B 77 49.98 -12.97 -29.72
N ASN B 78 50.09 -14.26 -29.41
CA ASN B 78 50.74 -14.74 -28.18
C ASN B 78 50.22 -14.11 -26.88
N ARG B 79 48.91 -14.11 -26.75
CA ARG B 79 48.26 -13.63 -25.55
C ARG B 79 47.53 -14.80 -24.94
N HIS B 80 47.43 -14.81 -23.62
CA HIS B 80 46.63 -15.83 -22.95
C HIS B 80 45.34 -15.17 -22.49
N VAL B 81 44.22 -15.63 -23.05
CA VAL B 81 42.92 -15.11 -22.65
C VAL B 81 41.94 -16.24 -22.77
N ASP B 82 41.22 -16.53 -21.70
CA ASP B 82 40.18 -17.55 -21.71
C ASP B 82 38.92 -16.91 -22.27
N PHE B 83 38.35 -17.53 -23.30
CA PHE B 83 37.10 -17.10 -23.90
C PHE B 83 36.09 -18.19 -23.62
N TRP B 84 34.98 -17.83 -22.99
CA TRP B 84 33.94 -18.79 -22.65
C TRP B 84 32.59 -18.36 -23.21
N VAL B 85 31.75 -19.34 -23.52
CA VAL B 85 30.45 -19.06 -24.13
C VAL B 85 29.42 -18.89 -23.02
N GLN B 86 28.95 -17.66 -22.81
CA GLN B 86 27.96 -17.41 -21.77
C GLN B 86 27.05 -16.25 -22.09
N ASP B 87 25.88 -16.27 -21.46
CA ASP B 87 24.89 -15.23 -21.59
C ASP B 87 25.14 -14.20 -20.48
N ARG B 89 23.30 -12.10 -19.24
CA ARG B 89 22.17 -12.04 -18.33
C ARG B 89 22.21 -12.99 -17.16
N GLU B 90 22.97 -14.08 -17.29
CA GLU B 90 23.07 -15.07 -16.24
C GLU B 90 24.53 -15.54 -16.13
N LEU B 91 25.45 -14.59 -16.02
CA LEU B 91 26.89 -14.88 -15.96
C LEU B 91 27.30 -15.76 -14.80
N GLU B 92 28.24 -16.64 -15.08
CA GLU B 92 28.85 -17.50 -14.09
C GLU B 92 30.31 -17.54 -14.51
N LEU B 93 31.23 -17.31 -13.59
CA LEU B 93 32.64 -17.39 -13.93
C LEU B 93 33.37 -18.23 -12.90
N PRO B 94 34.43 -18.95 -13.33
CA PRO B 94 35.15 -19.88 -12.43
C PRO B 94 36.17 -19.21 -11.53
N GLU B 95 36.54 -17.97 -11.83
CA GLU B 95 37.53 -17.22 -11.07
C GLU B 95 36.95 -15.88 -10.61
N PRO B 96 37.43 -15.37 -9.48
CA PRO B 96 37.04 -14.05 -9.01
C PRO B 96 37.55 -12.98 -9.98
N VAL B 97 36.76 -11.92 -10.20
CA VAL B 97 37.20 -10.79 -11.00
C VAL B 97 37.07 -9.49 -10.21
N ASP B 98 37.95 -8.55 -10.55
CA ASP B 98 38.00 -7.23 -9.96
C ASP B 98 37.14 -6.24 -10.73
N ALA B 99 36.88 -6.51 -12.00
CA ALA B 99 36.07 -5.62 -12.81
C ALA B 99 35.41 -6.37 -13.95
N ILE B 100 34.26 -5.87 -14.37
CA ILE B 100 33.53 -6.37 -15.50
C ILE B 100 33.42 -5.22 -16.49
N THR B 101 33.70 -5.49 -17.77
CA THR B 101 33.60 -4.49 -18.80
C THR B 101 32.58 -4.97 -19.82
N ILE B 102 31.74 -4.06 -20.33
CA ILE B 102 30.73 -4.38 -21.36
C ILE B 102 30.87 -3.24 -22.34
N LEU B 103 31.70 -3.46 -23.34
CA LEU B 103 32.14 -2.36 -24.17
C LEU B 103 31.50 -2.26 -25.53
N CYS B 104 31.61 -1.07 -26.12
CA CYS B 104 31.20 -0.78 -27.49
C CYS B 104 29.76 -1.08 -27.77
N ASP B 105 28.87 -0.55 -26.95
CA ASP B 105 27.40 -0.73 -27.07
C ASP B 105 26.90 -2.17 -27.09
N SER B 106 27.72 -3.09 -26.55
CA SER B 106 27.37 -4.51 -26.45
CA SER B 106 27.39 -4.50 -26.45
C SER B 106 26.14 -4.66 -25.58
N LEU B 107 26.06 -3.83 -24.54
CA LEU B 107 24.89 -3.88 -23.62
C LEU B 107 23.56 -3.54 -24.34
N ASN B 108 23.65 -2.70 -25.39
CA ASN B 108 22.46 -2.31 -26.14
C ASN B 108 21.83 -3.42 -26.98
N TYR B 109 22.49 -4.54 -27.23
CA TYR B 109 21.77 -5.63 -27.93
C TYR B 109 20.73 -6.32 -27.05
N LEU B 110 20.76 -6.10 -25.75
CA LEU B 110 19.74 -6.67 -24.89
C LEU B 110 18.40 -6.11 -25.41
N GLN B 111 17.34 -6.92 -25.38
CA GLN B 111 16.07 -6.48 -25.95
C GLN B 111 14.98 -5.96 -25.01
N THR B 112 15.00 -6.34 -23.73
CA THR B 112 13.97 -5.89 -22.80
C THR B 112 14.59 -5.24 -21.58
N GLU B 113 13.78 -4.48 -20.85
CA GLU B 113 14.20 -3.88 -19.60
C GLU B 113 14.65 -4.98 -18.65
N ALA B 114 13.85 -6.04 -18.52
CA ALA B 114 14.20 -7.17 -17.62
C ALA B 114 15.60 -7.76 -17.93
N ASP B 115 15.95 -7.84 -19.21
CA ASP B 115 17.28 -8.32 -19.62
C ASP B 115 18.42 -7.49 -19.07
N VAL B 116 18.20 -6.18 -19.06
CA VAL B 116 19.23 -5.28 -18.58
C VAL B 116 19.36 -5.47 -17.08
N LYS B 117 18.23 -5.58 -16.40
CA LYS B 117 18.23 -5.76 -14.94
C LYS B 117 18.92 -7.06 -14.52
N GLN B 118 18.64 -8.13 -15.26
CA GLN B 118 19.27 -9.44 -15.00
C GLN B 118 20.79 -9.38 -15.20
N THR B 119 21.21 -8.62 -16.21
CA THR B 119 22.64 -8.44 -16.51
C THR B 119 23.34 -7.67 -15.39
N PHE B 120 22.70 -6.62 -14.87
CA PHE B 120 23.31 -5.83 -13.81
C PHE B 120 23.33 -6.67 -12.53
N ASP B 121 22.25 -7.38 -12.25
CA ASP B 121 22.18 -8.28 -11.10
C ASP B 121 23.27 -9.36 -11.13
N SER B 122 23.47 -9.98 -12.29
CA SER B 122 24.49 -11.01 -12.47
C SER B 122 25.88 -10.45 -12.29
N ALA B 123 26.10 -9.24 -12.76
CA ALA B 123 27.41 -8.57 -12.60
C ALA B 123 27.71 -8.29 -11.09
N ALA B 124 26.69 -7.84 -10.35
CA ALA B 124 26.80 -7.54 -8.92
C ALA B 124 27.10 -8.82 -8.17
N ARG B 125 26.47 -9.91 -8.61
CA ARG B 125 26.62 -11.20 -7.98
C ARG B 125 28.03 -11.80 -8.17
N LEU B 126 28.70 -11.44 -9.25
CA LEU B 126 30.03 -11.94 -9.61
C LEU B 126 31.19 -11.04 -9.08
N LEU B 127 30.93 -9.78 -8.80
CA LEU B 127 31.94 -8.89 -8.24
C LEU B 127 31.88 -8.93 -6.71
N THR B 128 32.94 -8.51 -6.04
CA THR B 128 32.92 -8.38 -4.60
C THR B 128 33.00 -6.89 -4.27
N ASP B 129 32.93 -6.54 -2.99
CA ASP B 129 32.99 -5.15 -2.54
C ASP B 129 34.15 -4.40 -3.19
N GLY B 130 33.85 -3.31 -3.89
CA GLY B 130 34.90 -2.53 -4.56
C GLY B 130 35.11 -2.92 -6.02
N GLY B 131 34.48 -4.02 -6.45
CA GLY B 131 34.56 -4.46 -7.84
C GLY B 131 33.89 -3.43 -8.75
N LYS B 132 34.41 -3.27 -9.97
CA LYS B 132 33.89 -2.27 -10.88
C LYS B 132 33.17 -2.84 -12.08
N LEU B 133 32.16 -2.10 -12.54
CA LEU B 133 31.40 -2.42 -13.72
C LEU B 133 31.48 -1.18 -14.60
N LEU B 134 32.06 -1.36 -15.79
CA LEU B 134 32.19 -0.32 -16.80
C LEU B 134 31.47 -0.74 -18.06
N PHE B 135 30.69 0.18 -18.65
CA PHE B 135 29.99 -0.09 -19.90
C PHE B 135 29.67 1.23 -20.57
N ASP B 136 29.53 1.15 -21.88
CA ASP B 136 29.21 2.29 -22.72
C ASP B 136 28.02 1.94 -23.58
N VAL B 137 27.13 2.91 -23.80
CA VAL B 137 25.90 2.69 -24.50
C VAL B 137 25.60 3.87 -25.41
N HIS B 138 24.76 3.62 -26.41
CA HIS B 138 24.30 4.67 -27.29
C HIS B 138 23.50 5.71 -26.46
N SER B 139 23.57 6.99 -26.83
CA SER B 139 22.77 8.01 -26.18
C SER B 139 21.43 7.97 -26.87
N PRO B 140 20.38 8.49 -26.22
CA PRO B 140 19.07 8.61 -26.90
C PRO B 140 19.18 9.48 -28.19
N TYR B 141 20.01 10.53 -28.13
CA TYR B 141 20.29 11.41 -29.28
C TYR B 141 20.79 10.64 -30.50
N LYS B 142 21.80 9.77 -30.30
CA LYS B 142 22.35 8.99 -31.42
C LYS B 142 21.29 8.15 -32.10
N GLU B 144 18.13 8.82 -32.27
CA GLU B 144 17.26 9.74 -33.00
C GLU B 144 17.90 10.45 -34.19
N THR B 145 19.21 10.40 -34.30
CA THR B 145 19.92 11.04 -35.39
C THR B 145 20.59 9.99 -36.34
N LEU B 146 21.65 9.33 -35.87
CA LEU B 146 22.44 8.41 -36.70
C LEU B 146 21.77 7.06 -37.05
N PHE B 147 20.81 6.61 -36.25
CA PHE B 147 20.06 5.39 -36.52
C PHE B 147 18.62 5.66 -36.85
N ASN B 148 18.35 6.87 -37.36
CA ASN B 148 17.01 7.28 -37.70
C ASN B 148 16.74 7.28 -39.21
N GLY B 149 16.66 6.08 -39.79
CA GLY B 149 16.47 5.90 -41.23
C GLY B 149 17.71 6.25 -42.03
N LYS B 150 18.87 5.81 -41.56
CA LYS B 150 20.15 6.10 -42.21
C LYS B 150 20.74 4.86 -42.88
N THR B 151 21.55 5.12 -43.91
CA THR B 151 22.17 4.09 -44.69
C THR B 151 23.68 4.24 -44.65
N TYR B 152 24.39 3.18 -44.26
CA TYR B 152 25.85 3.19 -44.23
C TYR B 152 26.32 2.05 -45.12
N ALA B 153 27.40 2.25 -45.86
CA ALA B 153 27.88 1.22 -46.75
C ALA B 153 29.31 1.50 -47.10
N THR B 154 30.13 0.45 -47.16
CA THR B 154 31.50 0.63 -47.55
C THR B 154 32.13 -0.65 -48.06
N HIS B 155 33.33 -0.51 -48.60
CA HIS B 155 34.09 -1.63 -49.12
C HIS B 155 35.34 -1.78 -48.32
N ALA B 156 35.67 -3.02 -47.96
CA ALA B 156 36.94 -3.35 -47.34
C ALA B 156 37.60 -4.34 -48.33
N GLU B 157 38.70 -4.96 -47.94
CA GLU B 157 39.43 -5.88 -48.83
C GLU B 157 38.67 -7.18 -49.13
N GLN B 158 38.14 -7.82 -48.10
CA GLN B 158 37.48 -9.12 -48.28
C GLN B 158 35.95 -9.06 -48.37
N SER B 159 35.38 -7.90 -47.99
CA SER B 159 33.94 -7.76 -48.03
C SER B 159 33.48 -6.32 -48.11
N SER B 160 32.23 -6.17 -48.51
CA SER B 160 31.52 -4.91 -48.59
C SER B 160 30.27 -5.11 -47.78
N TYR B 161 29.71 -4.04 -47.22
CA TYR B 161 28.41 -4.14 -46.54
C TYR B 161 27.48 -2.97 -46.88
N ILE B 162 26.19 -3.23 -46.71
CA ILE B 162 25.12 -2.24 -46.80
C ILE B 162 24.38 -2.37 -45.47
N TRP B 163 24.25 -1.26 -44.78
CA TRP B 163 23.65 -1.22 -43.44
C TRP B 163 22.56 -0.16 -43.34
N PHE B 164 21.32 -0.63 -43.14
CA PHE B 164 20.19 0.26 -42.92
C PHE B 164 19.92 0.27 -41.40
N ALA B 165 19.85 1.48 -40.88
CA ALA B 165 19.54 1.73 -39.46
C ALA B 165 18.19 2.46 -39.38
N ASP B 166 17.20 1.77 -38.84
CA ASP B 166 15.84 2.31 -38.72
C ASP B 166 15.29 2.16 -37.31
N PRO B 167 14.39 3.07 -36.90
CA PRO B 167 13.84 2.88 -35.56
C PRO B 167 13.01 1.58 -35.48
N GLY B 168 12.95 0.98 -34.32
CA GLY B 168 12.15 -0.23 -34.10
C GLY B 168 10.88 0.11 -33.36
N GLU B 169 10.13 -0.91 -32.95
CA GLU B 169 8.83 -0.76 -32.28
C GLU B 169 8.91 0.00 -30.95
N GLU B 170 9.83 -0.41 -30.07
CA GLU B 170 9.99 0.25 -28.77
C GLU B 170 10.75 1.58 -28.88
N PRO B 171 10.48 2.53 -27.97
CA PRO B 171 11.22 3.80 -28.06
C PRO B 171 12.72 3.59 -27.93
N LEU B 172 13.50 4.40 -28.65
CA LEU B 172 14.95 4.36 -28.58
C LEU B 172 15.50 2.98 -28.95
N SER B 173 14.79 2.32 -29.88
CA SER B 173 15.18 1.02 -30.42
C SER B 173 15.55 1.22 -31.88
N VAL B 174 16.45 0.38 -32.37
CA VAL B 174 16.89 0.40 -33.76
C VAL B 174 16.94 -1.01 -34.27
N VAL B 175 16.56 -1.19 -35.53
CA VAL B 175 16.72 -2.46 -36.23
C VAL B 175 17.85 -2.18 -37.23
N HIS B 176 18.93 -2.95 -37.11
CA HIS B 176 20.05 -2.87 -38.05
C HIS B 176 19.89 -3.97 -39.12
N GLU B 177 19.56 -3.58 -40.34
CA GLU B 177 19.46 -4.54 -41.47
C GLU B 177 20.82 -4.53 -42.16
N LEU B 178 21.57 -5.62 -42.00
CA LEU B 178 22.90 -5.78 -42.55
C LEU B 178 22.97 -6.80 -43.68
N THR B 179 23.70 -6.44 -44.72
CA THR B 179 23.98 -7.32 -45.85
C THR B 179 25.48 -7.21 -46.13
N PHE B 180 26.18 -8.35 -46.09
CA PHE B 180 27.59 -8.43 -46.37
C PHE B 180 27.76 -9.16 -47.68
N PHE B 181 28.72 -8.71 -48.48
CA PHE B 181 29.09 -9.38 -49.71
C PHE B 181 30.53 -9.78 -49.48
N ILE B 182 30.77 -11.06 -49.27
CA ILE B 182 32.10 -11.59 -48.97
C ILE B 182 32.77 -12.16 -50.22
N GLU B 183 33.97 -11.67 -50.53
CA GLU B 183 34.68 -12.10 -51.70
C GLU B 183 35.18 -13.55 -51.54
N GLY B 184 34.82 -14.39 -52.50
CA GLY B 184 35.22 -15.79 -52.49
C GLY B 184 36.56 -15.97 -53.16
N GLU B 185 37.08 -17.21 -53.08
CA GLU B 185 38.38 -17.57 -53.64
C GLU B 185 38.42 -17.24 -55.12
N ASP B 186 37.27 -17.44 -55.77
CA ASP B 186 37.09 -17.19 -57.20
C ASP B 186 36.74 -15.75 -57.58
N GLY B 187 36.71 -14.83 -56.60
CA GLY B 187 36.43 -13.43 -56.92
C GLY B 187 34.97 -13.07 -57.11
N ARG B 188 34.09 -14.06 -56.92
CA ARG B 188 32.66 -13.81 -56.94
C ARG B 188 32.34 -13.61 -55.48
N TYR B 189 31.11 -13.23 -55.20
CA TYR B 189 30.69 -12.86 -53.84
C TYR B 189 29.56 -13.71 -53.30
N ASP B 190 29.63 -13.95 -52.01
CA ASP B 190 28.59 -14.62 -51.28
C ASP B 190 27.91 -13.58 -50.39
N ARG B 191 26.59 -13.59 -50.46
CA ARG B 191 25.77 -12.67 -49.69
C ARG B 191 25.33 -13.29 -48.35
N VAL B 192 25.45 -12.49 -47.29
CA VAL B 192 24.97 -12.88 -45.96
C VAL B 192 24.16 -11.71 -45.39
N ASP B 193 22.89 -11.96 -45.10
CA ASP B 193 21.98 -10.97 -44.54
C ASP B 193 21.80 -11.27 -43.06
N GLU B 194 21.85 -10.23 -42.26
CA GLU B 194 21.65 -10.32 -40.82
C GLU B 194 20.79 -9.15 -40.31
N THR B 195 20.02 -9.42 -39.25
CA THR B 195 19.22 -8.39 -38.60
C THR B 195 19.64 -8.34 -37.16
N HIS B 196 20.05 -7.16 -36.74
CA HIS B 196 20.47 -6.91 -35.36
CA HIS B 196 20.43 -6.95 -35.33
C HIS B 196 19.55 -5.92 -34.71
N HIS B 197 19.31 -6.09 -33.43
CA HIS B 197 18.44 -5.21 -32.69
C HIS B 197 19.20 -4.59 -31.55
N GLN B 198 19.12 -3.27 -31.47
CA GLN B 198 19.64 -2.54 -30.30
C GLN B 198 18.57 -1.63 -29.69
N ARG B 199 18.74 -1.34 -28.41
CA ARG B 199 17.81 -0.48 -27.70
C ARG B 199 18.53 0.17 -26.56
N THR B 200 18.26 1.47 -26.36
CA THR B 200 18.89 2.21 -25.29
C THR B 200 17.81 2.92 -24.48
N TYR B 201 18.25 3.56 -23.43
CA TYR B 201 17.45 4.26 -22.46
C TYR B 201 18.15 5.51 -22.06
N PRO B 202 17.41 6.47 -21.50
CA PRO B 202 18.02 7.65 -20.93
C PRO B 202 19.01 7.21 -19.84
N PRO B 203 20.15 7.92 -19.70
CA PRO B 203 21.13 7.53 -18.69
C PRO B 203 20.54 7.35 -17.30
N GLU B 204 19.55 8.16 -16.95
CA GLU B 204 18.87 8.05 -15.65
C GLU B 204 18.24 6.66 -15.39
N GLN B 205 17.75 6.01 -16.44
CA GLN B 205 17.16 4.69 -16.27
C GLN B 205 18.19 3.63 -15.92
N TYR B 206 19.35 3.66 -16.60
CA TYR B 206 20.46 2.76 -16.32
C TYR B 206 20.96 3.01 -14.91
N ILE B 207 21.10 4.28 -14.57
CA ILE B 207 21.49 4.64 -13.18
C ILE B 207 20.59 3.97 -12.11
N THR B 208 19.27 4.04 -12.32
CA THR B 208 18.31 3.47 -11.37
C THR B 208 18.50 1.97 -11.25
N TRP B 209 18.63 1.31 -12.41
CA TRP B 209 18.84 -0.13 -12.42
C TRP B 209 20.13 -0.58 -11.79
N LEU B 210 21.21 0.19 -11.97
CA LEU B 210 22.49 -0.09 -11.32
C LEU B 210 22.35 0.00 -9.80
N ARG B 211 21.67 1.03 -9.33
CA ARG B 211 21.43 1.21 -7.88
C ARG B 211 20.58 0.06 -7.36
N GLU B 212 19.57 -0.35 -8.13
CA GLU B 212 18.74 -1.50 -7.74
C GLU B 212 19.55 -2.78 -7.63
N ALA B 213 20.61 -2.91 -8.44
CA ALA B 213 21.48 -4.11 -8.44
C ALA B 213 22.54 -4.08 -7.34
N GLY B 214 22.67 -2.97 -6.61
CA GLY B 214 23.63 -2.84 -5.55
C GLY B 214 24.92 -2.13 -5.97
N PHE B 215 24.84 -1.27 -6.98
CA PHE B 215 26.02 -0.51 -7.43
C PHE B 215 25.95 0.95 -7.05
N ARG B 216 27.11 1.54 -6.79
CA ARG B 216 27.20 2.96 -6.60
C ARG B 216 27.67 3.46 -7.96
N VAL B 217 26.91 4.34 -8.60
CA VAL B 217 27.29 4.89 -9.91
C VAL B 217 28.34 5.97 -9.63
N CYS B 218 29.55 5.73 -10.11
CA CYS B 218 30.66 6.64 -9.81
C CYS B 218 30.70 7.82 -10.75
N ALA B 219 30.53 7.55 -12.04
CA ALA B 219 30.63 8.57 -13.07
C ALA B 219 29.77 8.18 -14.27
N VAL B 220 29.17 9.19 -14.91
CA VAL B 220 28.39 9.02 -16.16
C VAL B 220 28.94 10.14 -17.03
N THR B 221 29.55 9.78 -18.15
CA THR B 221 30.23 10.76 -18.98
C THR B 221 29.95 10.55 -20.46
N GLY B 222 30.25 11.55 -21.27
CA GLY B 222 29.98 11.43 -22.69
C GLY B 222 31.20 11.42 -23.58
N ASP B 223 31.12 10.63 -24.66
CA ASP B 223 32.09 10.63 -25.75
C ASP B 223 33.57 10.70 -25.41
N PHE B 224 33.99 9.83 -24.50
CA PHE B 224 35.38 9.69 -24.08
C PHE B 224 35.91 10.85 -23.24
N LYS B 225 35.06 11.81 -22.91
CA LYS B 225 35.43 12.93 -22.04
C LYS B 225 35.11 12.66 -20.57
N SER B 226 35.69 13.49 -19.67
CA SER B 226 35.57 13.36 -18.21
C SER B 226 34.29 13.95 -17.64
N ASP B 227 33.54 14.62 -18.49
CA ASP B 227 32.36 15.34 -18.06
C ASP B 227 31.03 14.68 -18.38
N ALA B 228 29.99 15.08 -17.66
CA ALA B 228 28.61 14.59 -17.86
C ALA B 228 28.24 14.73 -19.34
N PRO B 229 27.44 13.78 -19.86
CA PRO B 229 27.16 13.84 -21.28
C PRO B 229 26.49 15.13 -21.69
N THR B 230 26.85 15.68 -22.84
CA THR B 230 26.14 16.85 -23.37
C THR B 230 24.84 16.38 -24.02
N GLU B 231 24.05 17.36 -24.43
CA GLU B 231 22.77 17.17 -25.10
C GLU B 231 22.91 16.43 -26.45
N THR B 232 24.10 16.50 -27.04
CA THR B 232 24.37 15.85 -28.31
C THR B 232 25.46 14.77 -28.19
N ALA B 233 25.72 14.29 -26.98
CA ALA B 233 26.66 13.20 -26.79
C ALA B 233 26.12 11.98 -27.56
N GLU B 234 26.98 11.23 -28.20
CA GLU B 234 26.55 10.03 -28.93
C GLU B 234 26.73 8.74 -28.13
N ARG B 235 27.72 8.70 -27.25
CA ARG B 235 28.04 7.51 -26.50
C ARG B 235 28.17 7.89 -25.05
N ILE B 236 27.52 7.13 -24.17
CA ILE B 236 27.53 7.41 -22.74
C ILE B 236 28.26 6.31 -21.98
N PHE B 237 29.22 6.73 -21.15
CA PHE B 237 30.07 5.85 -20.38
C PHE B 237 29.69 5.83 -18.94
N PHE B 238 29.55 4.62 -18.38
CA PHE B 238 29.24 4.42 -16.97
C PHE B 238 30.35 3.66 -16.26
N VAL B 239 30.71 4.16 -15.09
CA VAL B 239 31.60 3.52 -14.14
C VAL B 239 30.75 3.32 -12.89
N ALA B 240 30.75 2.10 -12.37
CA ALA B 240 29.97 1.76 -11.20
C ALA B 240 30.83 0.83 -10.33
N GLU B 241 30.57 0.84 -9.05
CA GLU B 241 31.33 0.03 -8.09
C GLU B 241 30.39 -0.74 -7.18
N LYS B 242 30.69 -2.01 -6.93
CA LYS B 242 29.81 -2.80 -6.07
C LYS B 242 29.94 -2.35 -4.64
N ILE B 243 28.80 -2.14 -4.00
CA ILE B 243 28.75 -1.68 -2.63
C ILE B 243 28.95 -2.89 -1.74
N ALA C 3 4.85 23.75 8.12
CA ALA C 3 4.07 25.01 8.05
C ALA C 3 3.40 25.24 6.71
N TYR C 4 4.05 24.92 5.58
CA TYR C 4 3.42 25.12 4.25
C TYR C 4 2.39 24.01 3.97
N GLU C 5 2.66 22.81 4.50
CA GLU C 5 1.80 21.65 4.34
C GLU C 5 0.67 21.80 5.34
N GLN C 6 -0.48 21.19 5.06
CA GLN C 6 -1.59 21.22 6.01
C GLN C 6 -2.03 22.68 6.18
N PHE C 7 -1.06 23.59 6.09
CA PHE C 7 -1.32 25.03 6.02
C PHE C 7 -2.10 25.28 4.75
N ALA C 8 -1.72 24.55 3.69
CA ALA C 8 -2.43 24.68 2.43
C ALA C 8 -3.87 24.23 2.65
N TYR C 9 -4.07 23.23 3.52
CA TYR C 9 -5.43 22.75 3.74
C TYR C 9 -6.25 23.82 4.41
N VAL C 10 -5.68 24.54 5.37
CA VAL C 10 -6.45 25.59 6.04
C VAL C 10 -6.93 26.60 5.03
N TYR C 11 -6.08 26.94 4.06
CA TYR C 11 -6.45 27.92 3.03
C TYR C 11 -7.82 27.66 2.31
N ASP C 12 -8.24 26.40 2.21
CA ASP C 12 -9.60 26.10 1.72
C ASP C 12 -10.67 26.70 2.69
N GLU C 13 -10.30 26.82 3.95
CA GLU C 13 -11.11 27.39 5.01
C GLU C 13 -11.36 28.89 4.72
N LEU C 14 -10.33 29.66 4.38
CA LEU C 14 -10.52 31.08 4.05
C LEU C 14 -11.45 31.26 2.83
N GLN C 16 -13.78 28.83 2.00
CA GLN C 16 -14.96 27.96 2.21
C GLN C 16 -16.32 28.47 1.69
N ASP C 17 -16.53 29.78 1.73
CA ASP C 17 -17.81 30.34 1.24
C ASP C 17 -17.78 30.82 -0.20
N VAL C 18 -16.70 30.54 -0.93
CA VAL C 18 -16.59 30.97 -2.34
C VAL C 18 -17.48 30.09 -3.24
N PRO C 19 -18.41 30.71 -4.01
CA PRO C 19 -19.35 29.99 -4.86
C PRO C 19 -18.79 29.54 -6.21
N TYR C 20 -17.91 28.56 -6.13
CA TYR C 20 -17.28 27.98 -7.31
C TYR C 20 -18.24 27.51 -8.41
N PRO C 21 -19.42 26.97 -8.04
CA PRO C 21 -20.37 26.60 -9.06
C PRO C 21 -20.69 27.73 -10.04
N GLU C 22 -20.68 28.97 -9.57
CA GLU C 22 -20.95 30.11 -10.47
C GLU C 22 -19.89 30.20 -11.57
N TRP C 23 -18.64 29.87 -11.24
CA TRP C 23 -17.61 29.87 -12.27
C TRP C 23 -17.79 28.69 -13.21
N VAL C 24 -18.20 27.56 -12.64
CA VAL C 24 -18.40 26.36 -13.42
C VAL C 24 -19.59 26.55 -14.37
N ALA C 25 -20.62 27.28 -13.93
CA ALA C 25 -21.79 27.53 -14.80
C ALA C 25 -21.38 28.37 -16.00
N TRP C 26 -20.52 29.34 -15.79
CA TRP C 26 -19.99 30.16 -16.89
C TRP C 26 -19.20 29.32 -17.92
N VAL C 27 -18.31 28.43 -17.44
CA VAL C 27 -17.57 27.58 -18.38
C VAL C 27 -18.57 26.74 -19.19
N LEU C 28 -19.58 26.21 -18.51
CA LEU C 28 -20.64 25.39 -19.13
C LEU C 28 -21.39 26.09 -20.27
N GLU C 29 -21.39 27.42 -20.24
CA GLU C 29 -22.07 28.21 -21.28
C GLU C 29 -21.17 28.42 -22.47
N GLN C 30 -19.86 28.28 -22.29
CA GLN C 30 -18.87 28.52 -23.33
C GLN C 30 -18.21 27.27 -23.89
N VAL C 31 -18.15 26.19 -23.10
CA VAL C 31 -17.48 24.96 -23.56
C VAL C 31 -18.40 23.75 -23.42
N GLU C 32 -18.62 23.06 -24.54
CA GLU C 32 -19.51 21.91 -24.60
C GLU C 32 -19.10 20.87 -23.59
N PRO C 33 -20.03 20.41 -22.73
CA PRO C 33 -19.71 19.33 -21.78
C PRO C 33 -19.08 18.11 -22.46
N GLY C 34 -18.13 17.46 -21.77
CA GLY C 34 -17.44 16.30 -22.34
C GLY C 34 -16.10 16.65 -22.98
N LYS C 35 -15.90 17.90 -23.38
CA LYS C 35 -14.64 18.29 -24.00
C LYS C 35 -13.52 18.25 -22.97
N ARG C 36 -12.29 18.40 -23.47
CA ARG C 36 -11.08 18.37 -22.64
C ARG C 36 -10.68 19.78 -22.27
N ILE C 37 -10.37 19.97 -20.99
CA ILE C 37 -10.03 21.27 -20.45
C ILE C 37 -8.80 21.18 -19.55
N ALA C 38 -7.86 22.11 -19.72
CA ALA C 38 -6.72 22.25 -18.82
C ALA C 38 -7.05 23.44 -17.90
N ASP C 39 -7.21 23.17 -16.61
CA ASP C 39 -7.51 24.22 -15.63
C ASP C 39 -6.18 24.52 -15.00
N ILE C 40 -5.65 25.68 -15.35
CA ILE C 40 -4.32 26.05 -14.96
C ILE C 40 -4.36 27.13 -13.87
N GLY C 41 -3.37 27.08 -12.99
CA GLY C 41 -3.40 27.89 -11.77
C GLY C 41 -4.55 27.38 -10.90
N CYS C 42 -4.74 26.07 -10.86
CA CYS C 42 -5.88 25.47 -10.17
C CYS C 42 -5.81 25.46 -8.65
N GLY C 43 -4.63 25.74 -8.09
CA GLY C 43 -4.47 25.77 -6.64
C GLY C 43 -4.84 24.42 -6.07
N THR C 44 -5.76 24.43 -5.08
CA THR C 44 -6.21 23.20 -4.40
C THR C 44 -7.36 22.51 -5.13
N GLY C 45 -7.62 22.95 -6.37
CA GLY C 45 -8.57 22.27 -7.26
C GLY C 45 -10.04 22.24 -6.93
N THR C 46 -10.51 23.13 -6.05
CA THR C 46 -11.96 23.13 -5.70
C THR C 46 -12.84 23.25 -6.97
N ALA C 47 -12.59 24.26 -7.81
CA ALA C 47 -13.32 24.43 -9.06
C ALA C 47 -12.97 23.32 -10.04
N THR C 48 -11.70 22.90 -10.04
CA THR C 48 -11.21 21.86 -10.95
C THR C 48 -12.00 20.55 -10.85
N LEU C 49 -12.34 20.17 -9.63
CA LEU C 49 -13.08 18.94 -9.37
C LEU C 49 -14.53 19.09 -9.77
N LEU C 50 -15.09 20.30 -9.64
CA LEU C 50 -16.48 20.55 -10.11
C LEU C 50 -16.51 20.47 -11.64
N LEU C 51 -15.48 20.98 -12.29
CA LEU C 51 -15.35 20.87 -13.75
C LEU C 51 -15.24 19.41 -14.18
N ALA C 52 -14.52 18.60 -13.38
CA ALA C 52 -14.34 17.17 -13.68
C ALA C 52 -15.66 16.41 -13.81
N ASP C 53 -16.75 16.94 -13.21
CA ASP C 53 -18.08 16.33 -13.35
C ASP C 53 -18.74 16.58 -14.71
N HIS C 54 -18.12 17.41 -15.56
CA HIS C 54 -18.64 17.73 -16.90
C HIS C 54 -17.65 17.58 -18.04
N TYR C 55 -16.36 17.60 -17.74
CA TYR C 55 -15.32 17.56 -18.76
C TYR C 55 -14.19 16.62 -18.40
N GLU C 56 -13.32 16.36 -19.37
CA GLU C 56 -12.10 15.59 -19.14
C GLU C 56 -11.14 16.70 -18.72
N VAL C 57 -10.78 16.76 -17.45
CA VAL C 57 -9.98 17.84 -16.91
C VAL C 57 -8.57 17.47 -16.46
N THR C 58 -7.65 18.38 -16.76
CA THR C 58 -6.25 18.34 -16.33
C THR C 58 -6.01 19.61 -15.48
N GLY C 59 -5.57 19.42 -14.24
CA GLY C 59 -5.26 20.51 -13.33
C GLY C 59 -3.76 20.76 -13.36
N VAL C 60 -3.37 22.02 -13.49
CA VAL C 60 -1.98 22.42 -13.55
C VAL C 60 -1.76 23.57 -12.56
N ASP C 61 -0.81 23.38 -11.66
CA ASP C 61 -0.41 24.44 -10.74
C ASP C 61 1.08 24.28 -10.46
N LEU C 62 1.74 25.38 -10.11
CA LEU C 62 3.17 25.33 -9.79
C LEU C 62 3.36 24.78 -8.35
N SER C 63 2.32 24.85 -7.51
CA SER C 63 2.40 24.39 -6.13
C SER C 63 2.14 22.88 -6.00
N GLU C 64 3.17 22.15 -5.61
CA GLU C 64 3.07 20.70 -5.41
C GLU C 64 2.13 20.40 -4.25
N GLU C 65 2.25 21.18 -3.20
CA GLU C 65 1.39 21.01 -2.04
C GLU C 65 -0.08 21.18 -2.33
N LEU C 67 -1.56 21.02 -5.14
CA LEU C 67 -1.95 19.90 -6.00
C LEU C 67 -2.07 18.57 -5.24
N GLU C 68 -1.28 18.41 -4.17
CA GLU C 68 -1.36 17.24 -3.30
C GLU C 68 -2.74 17.21 -2.64
N ILE C 69 -3.19 18.39 -2.19
CA ILE C 69 -4.53 18.55 -1.60
C ILE C 69 -5.59 18.33 -2.66
N ALA C 70 -5.43 18.94 -3.84
CA ALA C 70 -6.35 18.74 -4.95
C ALA C 70 -6.49 17.26 -5.24
N GLN C 71 -5.35 16.58 -5.25
CA GLN C 71 -5.29 15.14 -5.53
C GLN C 71 -6.04 14.32 -4.48
N GLU C 72 -5.91 14.72 -3.21
CA GLU C 72 -6.61 14.03 -2.12
C GLU C 72 -8.11 14.20 -2.29
N LYS C 73 -8.53 15.42 -2.57
CA LYS C 73 -9.96 15.68 -2.74
C LYS C 73 -10.55 14.93 -3.92
N ALA C 74 -9.78 14.71 -4.97
CA ALA C 74 -10.24 13.97 -6.15
C ALA C 74 -10.38 12.53 -5.72
N GLU C 76 -10.68 11.35 -2.59
CA GLU C 76 -11.85 11.34 -1.67
C GLU C 76 -13.22 11.28 -2.35
N THR C 77 -13.38 11.98 -3.46
CA THR C 77 -14.68 12.03 -4.12
C THR C 77 -14.76 11.15 -5.37
N ASN C 78 -13.78 10.26 -5.54
CA ASN C 78 -13.73 9.31 -6.66
C ASN C 78 -13.67 9.95 -8.05
N ARG C 79 -12.96 11.06 -8.16
CA ARG C 79 -12.81 11.76 -9.42
C ARG C 79 -11.43 11.50 -9.96
N HIS C 80 -11.32 11.53 -11.28
CA HIS C 80 -10.06 11.28 -11.96
C HIS C 80 -9.59 12.46 -12.80
N VAL C 81 -8.66 13.21 -12.22
CA VAL C 81 -8.06 14.37 -12.86
C VAL C 81 -6.54 14.23 -12.78
N ASP C 82 -5.86 14.41 -13.90
CA ASP C 82 -4.40 14.41 -13.90
C ASP C 82 -3.97 15.76 -13.39
N PHE C 83 -3.17 15.80 -12.33
CA PHE C 83 -2.65 17.06 -11.83
C PHE C 83 -1.17 17.17 -12.16
N TRP C 84 -0.76 18.22 -12.86
CA TRP C 84 0.63 18.38 -13.24
C TRP C 84 1.23 19.63 -12.62
N VAL C 85 2.43 19.49 -12.06
CA VAL C 85 3.14 20.63 -11.50
C VAL C 85 3.80 21.34 -12.67
N GLN C 86 3.33 22.55 -12.96
CA GLN C 86 3.86 23.36 -14.07
C GLN C 86 3.60 24.82 -13.83
N ASP C 87 4.43 25.63 -14.47
CA ASP C 87 4.33 27.07 -14.42
C ASP C 87 3.48 27.45 -15.64
N ARG C 89 3.17 30.10 -17.29
CA ARG C 89 3.93 30.88 -18.26
C ARG C 89 4.60 30.03 -19.31
N GLU C 90 4.89 28.77 -18.97
CA GLU C 90 5.57 27.86 -19.88
C GLU C 90 4.90 26.51 -19.81
N LEU C 91 3.57 26.54 -19.94
CA LEU C 91 2.72 25.35 -19.88
C LEU C 91 3.14 24.39 -20.99
N GLU C 92 3.16 23.09 -20.70
CA GLU C 92 3.53 22.09 -21.70
C GLU C 92 2.81 20.78 -21.39
N LEU C 93 1.80 20.44 -22.18
CA LEU C 93 0.99 19.22 -21.96
C LEU C 93 1.13 18.17 -23.06
N PRO C 94 0.98 16.88 -22.68
CA PRO C 94 1.15 15.77 -23.60
C PRO C 94 0.01 15.56 -24.57
N GLU C 95 -1.24 15.70 -24.12
CA GLU C 95 -2.41 15.50 -24.99
C GLU C 95 -3.09 16.83 -25.34
N PRO C 96 -3.86 16.85 -26.45
CA PRO C 96 -4.58 18.06 -26.85
C PRO C 96 -5.66 18.44 -25.85
N VAL C 97 -6.00 19.74 -25.82
CA VAL C 97 -7.11 20.25 -24.98
C VAL C 97 -7.95 21.18 -25.82
N ASP C 98 -9.26 21.13 -25.60
CA ASP C 98 -10.21 21.97 -26.30
C ASP C 98 -10.34 23.38 -25.69
N ALA C 99 -10.00 23.51 -24.41
CA ALA C 99 -10.05 24.78 -23.70
C ALA C 99 -9.06 24.85 -22.54
N ILE C 100 -8.69 26.08 -22.22
CA ILE C 100 -7.87 26.37 -21.08
C ILE C 100 -8.68 27.34 -20.21
N THR C 101 -8.71 27.06 -18.90
CA THR C 101 -9.36 27.93 -17.95
C THR C 101 -8.33 28.37 -16.92
N ILE C 102 -8.35 29.65 -16.55
CA ILE C 102 -7.52 30.22 -15.50
C ILE C 102 -8.55 30.97 -14.65
N LEU C 103 -9.04 30.28 -13.63
CA LEU C 103 -10.12 30.82 -12.83
C LEU C 103 -9.76 31.48 -11.48
N CYS C 104 -10.70 32.27 -10.99
CA CYS C 104 -10.65 32.91 -9.66
C CYS C 104 -9.44 33.76 -9.41
N ASP C 105 -9.24 34.70 -10.30
CA ASP C 105 -8.14 35.66 -10.28
C ASP C 105 -6.75 35.01 -10.15
N SER C 106 -6.65 33.74 -10.57
CA SER C 106 -5.39 33.05 -10.57
C SER C 106 -4.36 33.71 -11.49
N LEU C 107 -4.82 34.20 -12.65
CA LEU C 107 -3.94 34.91 -13.58
C LEU C 107 -3.32 36.14 -12.95
N ASN C 108 -3.99 36.74 -11.95
CA ASN C 108 -3.50 37.98 -11.29
C ASN C 108 -2.30 37.77 -10.39
N TYR C 109 -1.92 36.52 -10.10
CA TYR C 109 -0.69 36.23 -9.37
C TYR C 109 0.56 36.46 -10.21
N LEU C 110 0.42 36.56 -11.53
CA LEU C 110 1.55 36.88 -12.39
C LEU C 110 2.04 38.28 -11.97
N GLN C 111 3.33 38.50 -12.03
CA GLN C 111 3.91 39.74 -11.52
C GLN C 111 4.30 40.77 -12.57
N THR C 112 4.66 40.34 -13.77
CA THR C 112 5.05 41.27 -14.81
C THR C 112 4.17 41.14 -16.04
N GLU C 113 4.26 42.12 -16.91
CA GLU C 113 3.54 42.12 -18.17
C GLU C 113 4.05 40.98 -19.06
N ALA C 114 5.36 40.78 -19.10
CA ALA C 114 5.95 39.69 -19.89
C ALA C 114 5.35 38.33 -19.49
N ASP C 115 5.13 38.14 -18.19
CA ASP C 115 4.56 36.91 -17.61
C ASP C 115 3.18 36.60 -18.17
N VAL C 116 2.37 37.64 -18.36
CA VAL C 116 1.02 37.47 -18.87
C VAL C 116 1.13 37.10 -20.35
N LYS C 117 1.95 37.84 -21.09
CA LYS C 117 2.16 37.55 -22.52
C LYS C 117 2.67 36.12 -22.69
N GLN C 118 3.66 35.71 -21.91
CA GLN C 118 4.16 34.34 -21.96
C GLN C 118 3.05 33.35 -21.72
N THR C 119 2.24 33.60 -20.71
CA THR C 119 1.12 32.74 -20.38
C THR C 119 0.18 32.62 -21.55
N PHE C 120 -0.22 33.75 -22.15
CA PHE C 120 -1.11 33.71 -23.30
C PHE C 120 -0.46 32.99 -24.49
N ASP C 121 0.82 33.22 -24.71
CA ASP C 121 1.54 32.58 -25.80
C ASP C 121 1.59 31.05 -25.62
N SER C 122 1.72 30.61 -24.38
CA SER C 122 1.79 29.19 -24.07
C SER C 122 0.46 28.54 -24.26
N ALA C 123 -0.61 29.29 -23.92
CA ALA C 123 -1.99 28.83 -24.07
C ALA C 123 -2.32 28.63 -25.53
N ALA C 124 -1.97 29.63 -26.36
CA ALA C 124 -2.20 29.59 -27.81
C ALA C 124 -1.45 28.41 -28.46
N ARG C 125 -0.26 28.14 -27.94
CA ARG C 125 0.55 27.06 -28.41
C ARG C 125 -0.11 25.70 -28.10
N LEU C 126 -0.77 25.56 -26.96
CA LEU C 126 -1.42 24.31 -26.59
C LEU C 126 -2.70 24.10 -27.39
N LEU C 127 -3.45 25.17 -27.59
CA LEU C 127 -4.74 25.07 -28.27
C LEU C 127 -4.64 25.00 -29.79
N THR C 128 -5.63 24.38 -30.41
CA THR C 128 -5.70 24.37 -31.86
C THR C 128 -6.80 25.35 -32.28
N ASP C 129 -6.89 25.59 -33.57
CA ASP C 129 -7.87 26.48 -34.14
C ASP C 129 -9.24 26.22 -33.48
N GLY C 130 -9.84 27.26 -32.93
CA GLY C 130 -11.15 27.17 -32.30
C GLY C 130 -11.14 26.82 -30.81
N GLY C 131 -9.97 26.53 -30.26
CA GLY C 131 -9.82 26.22 -28.84
C GLY C 131 -10.12 27.48 -28.05
N LYS C 132 -10.62 27.32 -26.83
CA LYS C 132 -11.02 28.46 -26.00
C LYS C 132 -10.12 28.69 -24.82
N LEU C 133 -9.89 29.97 -24.53
CA LEU C 133 -9.18 30.39 -23.34
C LEU C 133 -10.15 31.21 -22.51
N LEU C 134 -10.44 30.73 -21.30
CA LEU C 134 -11.30 31.44 -20.40
C LEU C 134 -10.55 31.84 -19.15
N PHE C 135 -10.74 33.08 -18.74
CA PHE C 135 -10.17 33.52 -17.45
C PHE C 135 -10.92 34.72 -16.91
N ASP C 136 -10.82 34.89 -15.60
CA ASP C 136 -11.44 36.00 -14.88
C ASP C 136 -10.40 36.66 -14.00
N VAL C 137 -10.47 37.97 -13.91
CA VAL C 137 -9.50 38.77 -13.21
C VAL C 137 -10.14 39.90 -12.40
N HIS C 138 -9.40 40.41 -11.43
CA HIS C 138 -9.87 41.57 -10.69
C HIS C 138 -9.97 42.77 -11.64
N SER C 139 -10.96 43.63 -11.41
CA SER C 139 -11.11 44.88 -12.15
C SER C 139 -10.23 45.92 -11.48
N PRO C 140 -9.83 46.97 -12.22
CA PRO C 140 -9.06 48.05 -11.57
C PRO C 140 -9.87 48.66 -10.40
N TYR C 141 -11.19 48.72 -10.54
CA TYR C 141 -12.06 49.24 -9.48
C TYR C 141 -11.91 48.49 -8.16
N LYS C 142 -11.84 47.17 -8.25
CA LYS C 142 -11.67 46.34 -7.06
C LYS C 142 -10.35 46.65 -6.33
N GLU C 144 -8.67 49.51 -6.36
CA GLU C 144 -8.79 50.84 -5.77
C GLU C 144 -9.79 50.91 -4.60
N THR C 145 -10.63 49.89 -4.44
CA THR C 145 -11.62 49.87 -3.38
C THR C 145 -11.40 48.75 -2.33
N LEU C 146 -11.82 47.52 -2.62
CA LEU C 146 -11.71 46.41 -1.67
C LEU C 146 -10.30 46.00 -1.23
N PHE C 147 -9.30 46.30 -2.06
CA PHE C 147 -7.92 45.95 -1.73
C PHE C 147 -7.10 47.20 -1.42
N ASN C 148 -7.79 48.31 -1.15
CA ASN C 148 -7.13 49.58 -0.92
C ASN C 148 -7.05 49.92 0.56
N GLY C 149 -6.19 49.22 1.26
CA GLY C 149 -6.01 49.45 2.69
C GLY C 149 -7.10 48.84 3.55
N LYS C 150 -7.51 47.63 3.22
CA LYS C 150 -8.60 46.93 3.92
C LYS C 150 -8.12 45.75 4.77
N THR C 151 -8.85 45.47 5.85
CA THR C 151 -8.55 44.35 6.77
C THR C 151 -9.69 43.37 6.74
N TYR C 152 -9.36 42.10 6.63
CA TYR C 152 -10.35 41.03 6.58
C TYR C 152 -9.90 40.03 7.62
N ALA C 153 -10.84 39.43 8.35
CA ALA C 153 -10.48 38.51 9.41
C ALA C 153 -11.69 37.69 9.80
N THR C 154 -11.47 36.42 10.12
CA THR C 154 -12.55 35.61 10.61
C THR C 154 -12.02 34.36 11.25
N HIS C 155 -12.92 33.60 11.87
CA HIS C 155 -12.56 32.38 12.55
C HIS C 155 -13.23 31.23 11.82
N ALA C 156 -12.46 30.17 11.59
CA ALA C 156 -13.00 28.93 11.02
C ALA C 156 -12.82 27.90 12.13
N GLU C 157 -13.05 26.64 11.85
CA GLU C 157 -12.90 25.61 12.90
C GLU C 157 -11.43 25.29 13.24
N GLN C 158 -10.61 25.16 12.20
CA GLN C 158 -9.19 24.77 12.36
C GLN C 158 -8.24 25.96 12.46
N SER C 159 -8.67 27.11 11.93
CA SER C 159 -7.83 28.29 11.93
C SER C 159 -8.60 29.64 11.86
N SER C 160 -7.89 30.69 12.21
CA SER C 160 -8.41 32.05 12.13
C SER C 160 -7.39 32.76 11.28
N TYR C 161 -7.80 33.83 10.62
CA TYR C 161 -6.85 34.62 9.85
C TYR C 161 -7.11 36.08 9.94
N ILE C 162 -6.06 36.83 9.66
CA ILE C 162 -6.06 38.26 9.56
C ILE C 162 -5.40 38.63 8.24
N TRP C 163 -6.20 39.25 7.38
CA TRP C 163 -5.78 39.62 6.03
C TRP C 163 -5.78 41.14 5.77
N PHE C 164 -4.60 41.67 5.47
CA PHE C 164 -4.41 43.07 5.10
C PHE C 164 -4.20 43.12 3.59
N ALA C 165 -5.03 43.93 2.92
CA ALA C 165 -4.96 44.15 1.50
C ALA C 165 -4.58 45.61 1.30
N ASP C 166 -3.36 45.84 0.82
CA ASP C 166 -2.87 47.20 0.55
C ASP C 166 -2.30 47.25 -0.87
N PRO C 167 -2.34 48.43 -1.51
CA PRO C 167 -1.74 48.48 -2.83
C PRO C 167 -0.22 48.26 -2.77
N GLY C 168 0.34 47.69 -3.85
CA GLY C 168 1.77 47.40 -3.95
C GLY C 168 2.53 48.42 -4.76
N GLU C 169 3.72 48.05 -5.22
CA GLU C 169 4.59 48.99 -5.95
C GLU C 169 4.09 49.41 -7.33
N GLU C 170 3.51 48.48 -8.10
CA GLU C 170 3.03 48.79 -9.45
C GLU C 170 1.57 49.23 -9.42
N PRO C 171 1.16 50.05 -10.40
CA PRO C 171 -0.24 50.43 -10.45
C PRO C 171 -1.16 49.20 -10.51
N LEU C 172 -2.33 49.31 -9.93
CA LEU C 172 -3.30 48.22 -9.89
C LEU C 172 -2.74 46.91 -9.30
N SER C 173 -1.82 47.02 -8.35
CA SER C 173 -1.25 45.86 -7.64
C SER C 173 -1.64 45.85 -6.14
N VAL C 174 -1.57 44.67 -5.52
CA VAL C 174 -1.92 44.52 -4.13
C VAL C 174 -0.95 43.55 -3.47
N VAL C 175 -0.60 43.85 -2.23
CA VAL C 175 0.22 42.98 -1.40
C VAL C 175 -0.78 42.45 -0.37
N HIS C 176 -1.01 41.15 -0.40
CA HIS C 176 -1.91 40.50 0.53
C HIS C 176 -1.05 39.99 1.69
N GLU C 177 -0.99 40.75 2.80
CA GLU C 177 -0.23 40.32 4.00
C GLU C 177 -1.20 39.47 4.82
N LEU C 178 -0.91 38.18 4.86
CA LEU C 178 -1.78 37.21 5.48
C LEU C 178 -1.15 36.61 6.75
N THR C 179 -1.98 36.37 7.75
CA THR C 179 -1.54 35.67 8.97
C THR C 179 -2.64 34.69 9.40
N PHE C 180 -2.23 33.43 9.57
CA PHE C 180 -3.11 32.34 10.01
C PHE C 180 -2.66 31.84 11.37
N PHE C 181 -3.63 31.63 12.26
CA PHE C 181 -3.43 31.02 13.56
C PHE C 181 -4.14 29.68 13.47
N ILE C 182 -3.36 28.60 13.45
CA ILE C 182 -3.87 27.23 13.27
C ILE C 182 -3.90 26.44 14.54
N GLU C 183 -5.06 25.94 14.95
CA GLU C 183 -5.14 25.19 16.21
C GLU C 183 -4.33 23.89 16.19
N GLY C 184 -3.62 23.63 17.29
CA GLY C 184 -2.83 22.42 17.41
C GLY C 184 -3.57 21.37 18.21
N GLU C 185 -3.00 20.16 18.25
CA GLU C 185 -3.60 19.04 18.97
C GLU C 185 -3.84 19.37 20.43
N ASP C 186 -2.98 20.21 21.02
CA ASP C 186 -3.08 20.60 22.43
C ASP C 186 -3.86 21.91 22.69
N GLY C 187 -4.62 22.39 21.70
CA GLY C 187 -5.44 23.60 21.92
C GLY C 187 -4.72 24.95 21.83
N ARG C 188 -3.40 24.91 21.68
CA ARG C 188 -2.60 26.10 21.48
C ARG C 188 -2.46 26.29 19.97
N TYR C 189 -2.07 27.48 19.54
CA TYR C 189 -2.02 27.81 18.13
C TYR C 189 -0.62 28.06 17.58
N ASP C 190 -0.45 27.75 16.29
CA ASP C 190 0.78 28.04 15.55
C ASP C 190 0.49 29.13 14.54
N ARG C 191 1.38 30.10 14.46
CA ARG C 191 1.22 31.23 13.54
C ARG C 191 2.02 31.05 12.22
N VAL C 192 1.38 31.34 11.10
CA VAL C 192 2.00 31.30 9.76
C VAL C 192 1.72 32.64 9.04
N ASP C 193 2.77 33.33 8.63
CA ASP C 193 2.63 34.63 7.96
C ASP C 193 3.07 34.48 6.51
N GLU C 194 2.25 34.97 5.60
CA GLU C 194 2.47 34.90 4.18
C GLU C 194 2.16 36.21 3.46
N THR C 195 2.78 36.39 2.30
CA THR C 195 2.58 37.56 1.49
C THR C 195 2.38 37.09 0.07
N HIS C 196 1.22 37.42 -0.48
CA HIS C 196 0.85 37.10 -1.83
C HIS C 196 0.77 38.41 -2.58
N HIS C 197 1.07 38.35 -3.85
CA HIS C 197 1.08 39.52 -4.71
C HIS C 197 0.20 39.26 -5.90
N GLN C 198 -0.74 40.18 -6.13
CA GLN C 198 -1.58 40.15 -7.29
C GLN C 198 -1.52 41.52 -7.97
N ARG C 199 -1.76 41.51 -9.27
CA ARG C 199 -1.69 42.70 -10.11
C ARG C 199 -2.65 42.52 -11.28
N THR C 200 -3.41 43.57 -11.58
CA THR C 200 -4.35 43.51 -12.68
C THR C 200 -4.04 44.67 -13.62
N TYR C 201 -4.79 44.73 -14.70
CA TYR C 201 -4.66 45.76 -15.74
C TYR C 201 -6.04 46.12 -16.22
N PRO C 202 -6.18 47.29 -16.90
CA PRO C 202 -7.49 47.59 -17.45
C PRO C 202 -7.82 46.50 -18.48
N PRO C 203 -9.11 46.17 -18.65
CA PRO C 203 -9.44 45.10 -19.62
C PRO C 203 -8.85 45.28 -21.02
N GLU C 204 -8.75 46.52 -21.49
CA GLU C 204 -8.18 46.84 -22.80
C GLU C 204 -6.76 46.29 -22.96
N GLN C 205 -5.97 46.31 -21.88
CA GLN C 205 -4.61 45.80 -21.94
C GLN C 205 -4.59 44.27 -22.16
N TYR C 206 -5.43 43.57 -21.42
CA TYR C 206 -5.55 42.12 -21.58
C TYR C 206 -6.03 41.78 -22.98
N ILE C 207 -6.96 42.58 -23.49
CA ILE C 207 -7.49 42.40 -24.86
C ILE C 207 -6.35 42.48 -25.90
N THR C 208 -5.49 43.48 -25.75
CA THR C 208 -4.36 43.66 -26.66
C THR C 208 -3.44 42.46 -26.64
N TRP C 209 -3.03 42.05 -25.44
CA TRP C 209 -2.13 40.91 -25.28
C TRP C 209 -2.70 39.62 -25.84
N LEU C 210 -4.02 39.45 -25.73
CA LEU C 210 -4.68 38.27 -26.26
C LEU C 210 -4.63 38.25 -27.78
N ARG C 211 -4.82 39.42 -28.37
CA ARG C 211 -4.78 39.58 -29.80
C ARG C 211 -3.39 39.36 -30.28
N GLU C 212 -2.42 39.92 -29.54
CA GLU C 212 -1.00 39.75 -29.89
C GLU C 212 -0.60 38.27 -29.81
N ALA C 213 -1.22 37.51 -28.91
CA ALA C 213 -0.99 36.04 -28.80
C ALA C 213 -1.69 35.20 -29.87
N GLY C 214 -2.52 35.82 -30.72
CA GLY C 214 -3.27 35.08 -31.74
C GLY C 214 -4.67 34.60 -31.35
N PHE C 215 -5.28 35.26 -30.37
CA PHE C 215 -6.68 34.98 -29.98
C PHE C 215 -7.63 36.03 -30.48
N ARG C 216 -8.85 35.60 -30.80
CA ARG C 216 -9.94 36.52 -31.08
C ARG C 216 -10.67 36.61 -29.74
N VAL C 217 -10.84 37.83 -29.24
CA VAL C 217 -11.53 38.08 -27.97
C VAL C 217 -13.03 38.02 -28.26
N CYS C 218 -13.69 37.03 -27.68
CA CYS C 218 -15.11 36.80 -27.92
C CYS C 218 -16.05 37.62 -27.07
N ALA C 219 -15.75 37.69 -25.78
CA ALA C 219 -16.60 38.37 -24.84
C ALA C 219 -15.78 38.85 -23.66
N VAL C 220 -16.10 40.03 -23.15
CA VAL C 220 -15.47 40.60 -21.95
C VAL C 220 -16.67 41.09 -21.16
N THR C 221 -16.93 40.44 -20.04
CA THR C 221 -18.11 40.71 -19.24
C THR C 221 -17.73 40.91 -17.78
N GLY C 222 -18.67 41.42 -17.01
CA GLY C 222 -18.43 41.74 -15.59
C GLY C 222 -19.35 41.00 -14.63
N ASP C 223 -18.77 40.57 -13.53
CA ASP C 223 -19.46 40.00 -12.36
C ASP C 223 -20.49 38.93 -12.62
N PHE C 224 -20.13 37.99 -13.47
CA PHE C 224 -21.00 36.86 -13.82
C PHE C 224 -22.22 37.23 -14.66
N LYS C 225 -22.27 38.46 -15.19
CA LYS C 225 -23.35 38.93 -16.05
C LYS C 225 -22.93 38.77 -17.52
N SER C 226 -23.88 39.00 -18.43
CA SER C 226 -23.71 38.83 -19.88
C SER C 226 -23.20 40.03 -20.61
N ASP C 227 -23.10 41.16 -19.91
CA ASP C 227 -22.79 42.42 -20.53
C ASP C 227 -21.39 42.89 -20.22
N ALA C 228 -20.93 43.85 -21.01
CA ALA C 228 -19.62 44.45 -20.81
C ALA C 228 -19.61 44.92 -19.36
N PRO C 229 -18.42 44.96 -18.74
CA PRO C 229 -18.40 45.35 -17.34
C PRO C 229 -18.74 46.84 -17.13
N THR C 230 -19.35 47.13 -15.99
CA THR C 230 -19.69 48.49 -15.59
C THR C 230 -18.50 49.12 -14.89
N GLU C 231 -18.58 50.42 -14.64
CA GLU C 231 -17.50 51.15 -13.96
C GLU C 231 -17.24 50.63 -12.53
N THR C 232 -18.21 49.94 -11.94
CA THR C 232 -18.07 49.38 -10.60
C THR C 232 -17.97 47.85 -10.57
N ALA C 233 -17.69 47.22 -11.72
CA ALA C 233 -17.55 45.75 -11.73
C ALA C 233 -16.29 45.40 -10.92
N GLU C 234 -16.37 44.31 -10.17
CA GLU C 234 -15.26 43.83 -9.36
C GLU C 234 -14.46 42.70 -10.01
N ARG C 235 -15.10 41.97 -10.93
CA ARG C 235 -14.48 40.80 -11.56
C ARG C 235 -14.77 40.85 -13.01
N ILE C 236 -13.73 40.74 -13.83
CA ILE C 236 -13.94 40.78 -15.28
C ILE C 236 -13.59 39.43 -15.87
N PHE C 237 -14.51 38.94 -16.70
CA PHE C 237 -14.44 37.63 -17.33
C PHE C 237 -14.15 37.74 -18.81
N PHE C 238 -13.14 37.01 -19.28
CA PHE C 238 -12.76 36.99 -20.70
C PHE C 238 -12.94 35.62 -21.33
N VAL C 239 -13.50 35.60 -22.55
CA VAL C 239 -13.61 34.40 -23.37
C VAL C 239 -12.87 34.75 -24.67
N ALA C 240 -11.86 33.94 -25.01
CA ALA C 240 -11.04 34.13 -26.20
C ALA C 240 -11.01 32.83 -26.99
N GLU C 241 -10.81 32.93 -28.29
CA GLU C 241 -10.72 31.75 -29.16
C GLU C 241 -9.46 31.83 -30.05
N LYS C 242 -8.75 30.72 -30.13
CA LYS C 242 -7.54 30.70 -30.96
C LYS C 242 -7.94 30.77 -32.43
N ILE C 243 -7.30 31.68 -33.13
CA ILE C 243 -7.51 31.86 -34.55
C ILE C 243 -6.78 30.72 -35.28
N GLN D 6 15.32 -25.37 5.01
CA GLN D 6 14.15 -24.54 5.44
C GLN D 6 13.23 -24.20 4.25
N PHE D 7 12.26 -25.08 4.01
CA PHE D 7 11.31 -24.96 2.87
C PHE D 7 10.79 -23.55 2.59
N ALA D 8 10.57 -22.78 3.65
CA ALA D 8 10.03 -21.44 3.55
C ALA D 8 10.92 -20.49 2.71
N TYR D 9 12.21 -20.78 2.55
CA TYR D 9 13.05 -19.98 1.64
C TYR D 9 12.55 -19.97 0.18
N VAL D 10 11.87 -21.03 -0.25
CA VAL D 10 11.33 -21.04 -1.62
C VAL D 10 10.37 -19.85 -1.84
N TYR D 11 9.86 -19.26 -0.76
CA TYR D 11 8.97 -18.10 -0.87
C TYR D 11 9.77 -16.82 -1.12
N ASP D 12 10.95 -16.68 -0.49
CA ASP D 12 11.78 -15.49 -0.69
C ASP D 12 12.33 -15.46 -2.10
N GLU D 13 12.43 -16.64 -2.70
CA GLU D 13 12.84 -16.76 -4.09
C GLU D 13 11.68 -16.33 -5.00
N LEU D 14 10.51 -16.93 -4.84
CA LEU D 14 9.39 -16.50 -5.67
C LEU D 14 9.27 -14.96 -5.60
N GLN D 16 11.58 -12.51 -4.92
CA GLN D 16 12.85 -11.78 -5.11
C GLN D 16 12.74 -10.38 -5.68
N ASP D 17 11.83 -10.20 -6.62
CA ASP D 17 11.66 -8.94 -7.34
C ASP D 17 10.39 -8.17 -6.92
N VAL D 18 9.85 -8.50 -5.76
CA VAL D 18 8.72 -7.72 -5.23
C VAL D 18 9.28 -6.38 -4.69
N PRO D 19 8.72 -5.23 -5.13
CA PRO D 19 9.32 -3.94 -4.77
C PRO D 19 8.89 -3.49 -3.37
N TYR D 20 9.38 -4.20 -2.35
CA TYR D 20 9.03 -3.86 -0.97
C TYR D 20 9.17 -2.38 -0.58
N PRO D 21 10.23 -1.69 -1.04
CA PRO D 21 10.37 -0.27 -0.70
C PRO D 21 9.16 0.61 -1.04
N GLU D 22 8.41 0.25 -2.07
CA GLU D 22 7.18 0.99 -2.43
C GLU D 22 6.11 0.88 -1.34
N TRP D 23 6.04 -0.27 -0.67
CA TRP D 23 5.14 -0.40 0.50
C TRP D 23 5.70 0.38 1.70
N VAL D 24 7.00 0.31 1.90
CA VAL D 24 7.63 1.03 2.98
C VAL D 24 7.37 2.54 2.82
N ALA D 25 7.59 3.06 1.62
CA ALA D 25 7.34 4.46 1.32
C ALA D 25 5.91 4.83 1.63
N TRP D 26 4.99 3.93 1.35
CA TRP D 26 3.57 4.20 1.67
C TRP D 26 3.31 4.32 3.19
N VAL D 27 3.89 3.40 3.97
CA VAL D 27 3.74 3.45 5.39
C VAL D 27 4.35 4.74 5.93
N LEU D 28 5.55 5.09 5.48
CA LEU D 28 6.21 6.29 5.87
C LEU D 28 5.35 7.55 5.61
N GLU D 29 4.55 7.55 4.55
CA GLU D 29 3.67 8.68 4.29
C GLU D 29 2.52 8.76 5.28
N GLN D 30 2.18 7.63 5.89
CA GLN D 30 0.99 7.56 6.76
C GLN D 30 1.24 7.53 8.27
N VAL D 31 2.43 7.06 8.67
CA VAL D 31 2.73 6.84 10.06
C VAL D 31 4.03 7.52 10.40
N GLU D 32 4.02 8.39 11.41
CA GLU D 32 5.22 9.12 11.83
C GLU D 32 6.32 8.15 12.24
N PRO D 33 7.53 8.32 11.69
CA PRO D 33 8.62 7.46 12.14
C PRO D 33 8.85 7.48 13.65
N GLY D 34 9.24 6.35 14.22
CA GLY D 34 9.43 6.25 15.68
C GLY D 34 8.22 5.63 16.38
N LYS D 35 7.09 5.58 15.68
CA LYS D 35 5.87 5.01 16.26
C LYS D 35 5.93 3.48 16.27
N ARG D 36 4.96 2.87 16.97
CA ARG D 36 4.93 1.43 17.14
C ARG D 36 3.95 0.86 16.15
N ILE D 37 4.34 -0.21 15.46
CA ILE D 37 3.54 -0.86 14.44
C ILE D 37 3.49 -2.40 14.67
N ALA D 38 2.33 -3.00 14.47
CA ALA D 38 2.26 -4.45 14.41
C ALA D 38 2.01 -4.79 12.90
N ASP D 39 2.92 -5.58 12.33
CA ASP D 39 2.86 -5.96 10.92
C ASP D 39 2.37 -7.40 10.92
N ILE D 40 1.16 -7.50 10.42
CA ILE D 40 0.33 -8.69 10.52
C ILE D 40 0.33 -9.48 9.21
N GLY D 41 0.48 -10.80 9.32
CA GLY D 41 0.53 -11.66 8.13
C GLY D 41 1.80 -11.29 7.41
N CYS D 42 2.90 -11.20 8.18
CA CYS D 42 4.16 -10.70 7.69
C CYS D 42 4.99 -11.70 6.90
N GLY D 43 4.53 -12.94 6.84
CA GLY D 43 5.28 -13.97 6.12
C GLY D 43 6.69 -14.10 6.68
N THR D 44 7.66 -14.07 5.78
CA THR D 44 9.08 -14.22 6.10
C THR D 44 9.67 -12.91 6.57
N GLY D 45 8.81 -11.91 6.80
CA GLY D 45 9.25 -10.63 7.38
C GLY D 45 10.08 -9.66 6.57
N THR D 46 10.14 -9.81 5.26
CA THR D 46 10.96 -8.92 4.44
C THR D 46 10.55 -7.45 4.55
N ALA D 47 9.25 -7.17 4.52
CA ALA D 47 8.76 -5.79 4.65
C ALA D 47 8.90 -5.33 6.12
N THR D 48 8.63 -6.24 7.06
CA THR D 48 8.71 -5.99 8.49
C THR D 48 10.10 -5.48 8.84
N LEU D 49 11.11 -6.17 8.31
CA LEU D 49 12.51 -5.82 8.56
C LEU D 49 12.89 -4.42 8.07
N LEU D 50 12.40 -4.06 6.89
CA LEU D 50 12.56 -2.70 6.39
C LEU D 50 11.82 -1.70 7.28
N LEU D 51 10.59 -2.02 7.68
CA LEU D 51 9.86 -1.12 8.56
C LEU D 51 10.54 -0.87 9.89
N ALA D 52 11.28 -1.88 10.36
CA ALA D 52 12.09 -1.82 11.59
C ALA D 52 13.18 -0.77 11.61
N ASP D 53 13.59 -0.29 10.44
CA ASP D 53 14.57 0.78 10.36
C ASP D 53 13.91 2.11 10.67
N HIS D 54 12.58 2.17 10.69
CA HIS D 54 11.88 3.43 10.94
C HIS D 54 10.94 3.40 12.13
N TYR D 55 10.49 2.21 12.52
CA TYR D 55 9.48 2.05 13.54
C TYR D 55 9.86 0.96 14.55
N GLU D 56 9.22 0.99 15.72
CA GLU D 56 9.29 -0.11 16.69
C GLU D 56 8.23 -1.05 16.14
N VAL D 57 8.64 -2.16 15.54
CA VAL D 57 7.72 -3.08 14.88
CA VAL D 57 7.70 -3.07 14.90
C VAL D 57 7.71 -4.47 15.48
N THR D 58 6.52 -5.10 15.50
CA THR D 58 6.34 -6.46 15.93
C THR D 58 5.70 -7.16 14.74
N GLY D 59 6.22 -8.33 14.37
CA GLY D 59 5.64 -9.10 13.29
C GLY D 59 4.84 -10.27 13.78
N VAL D 60 3.74 -10.55 13.09
CA VAL D 60 2.86 -11.64 13.44
C VAL D 60 2.44 -12.38 12.16
N ASP D 61 2.44 -13.71 12.22
CA ASP D 61 2.01 -14.57 11.11
C ASP D 61 1.56 -15.91 11.67
N LEU D 62 0.74 -16.66 10.94
CA LEU D 62 0.28 -17.99 11.38
CA LEU D 62 0.30 -17.99 11.40
C LEU D 62 1.31 -19.10 11.15
N SER D 63 2.28 -18.84 10.29
CA SER D 63 3.29 -19.81 9.92
C SER D 63 4.60 -19.76 10.70
N GLU D 64 4.81 -20.79 11.52
CA GLU D 64 6.03 -20.87 12.31
CA GLU D 64 6.05 -20.89 12.32
C GLU D 64 7.27 -20.96 11.42
N GLU D 65 7.18 -21.71 10.35
CA GLU D 65 8.30 -21.88 9.40
C GLU D 65 8.70 -20.55 8.78
N LEU D 67 8.09 -17.67 10.05
CA LEU D 67 8.63 -16.83 11.13
C LEU D 67 10.03 -17.21 11.56
N GLU D 68 10.38 -18.49 11.39
CA GLU D 68 11.72 -18.98 11.68
C GLU D 68 12.72 -18.34 10.71
N ILE D 69 12.33 -18.16 9.45
CA ILE D 69 13.21 -17.44 8.50
C ILE D 69 13.30 -15.95 8.84
N ALA D 70 12.17 -15.38 9.25
CA ALA D 70 12.09 -13.95 9.61
C ALA D 70 13.10 -13.61 10.69
N GLN D 71 13.09 -14.42 11.75
CA GLN D 71 14.01 -14.29 12.88
C GLN D 71 15.48 -14.41 12.50
N GLU D 72 15.74 -15.32 11.58
CA GLU D 72 17.09 -15.54 11.08
C GLU D 72 17.60 -14.31 10.30
N LYS D 73 16.76 -13.75 9.44
CA LYS D 73 17.11 -12.55 8.66
C LYS D 73 17.30 -11.35 9.57
N ALA D 74 16.48 -11.26 10.61
CA ALA D 74 16.64 -10.24 11.64
C ALA D 74 18.00 -10.39 12.31
N GLU D 76 20.71 -11.92 11.13
CA GLU D 76 21.69 -11.58 10.09
C GLU D 76 21.78 -10.08 9.81
N THR D 77 20.66 -9.36 9.82
CA THR D 77 20.70 -7.93 9.50
C THR D 77 20.86 -7.03 10.74
N ASN D 78 21.11 -7.68 11.87
CA ASN D 78 21.35 -7.00 13.15
C ASN D 78 20.17 -6.15 13.60
N ARG D 79 18.97 -6.61 13.30
CA ARG D 79 17.76 -5.90 13.70
C ARG D 79 17.06 -6.60 14.86
N HIS D 80 16.29 -5.82 15.62
CA HIS D 80 15.58 -6.34 16.78
C HIS D 80 14.11 -6.26 16.47
N VAL D 81 13.54 -7.39 16.09
CA VAL D 81 12.14 -7.49 15.76
C VAL D 81 11.62 -8.79 16.29
N ASP D 82 10.57 -8.71 17.12
CA ASP D 82 9.92 -9.89 17.65
C ASP D 82 8.92 -10.35 16.61
N PHE D 83 8.88 -11.65 16.37
CA PHE D 83 7.92 -12.28 15.47
C PHE D 83 7.19 -13.30 16.32
N TRP D 84 5.86 -13.22 16.30
CA TRP D 84 5.06 -14.16 17.07
C TRP D 84 4.05 -14.85 16.20
N VAL D 85 3.75 -16.10 16.53
CA VAL D 85 2.76 -16.87 15.78
C VAL D 85 1.37 -16.55 16.33
N GLN D 86 0.56 -15.86 15.54
CA GLN D 86 -0.82 -15.56 15.92
C GLN D 86 -1.66 -15.44 14.68
N ASP D 87 -2.96 -15.63 14.86
CA ASP D 87 -3.93 -15.48 13.77
C ASP D 87 -4.31 -14.00 13.71
N ARG D 89 -7.11 -12.66 12.90
CA ARG D 89 -8.47 -12.51 13.40
C ARG D 89 -8.50 -12.34 14.91
N GLU D 90 -7.36 -12.57 15.57
CA GLU D 90 -7.31 -12.48 17.03
C GLU D 90 -5.95 -12.01 17.52
N LEU D 91 -5.52 -10.84 17.05
CA LEU D 91 -4.29 -10.27 17.54
C LEU D 91 -4.35 -10.00 19.02
N GLU D 92 -3.22 -10.15 19.69
CA GLU D 92 -3.09 -9.93 21.13
C GLU D 92 -1.65 -9.58 21.40
N LEU D 93 -1.41 -8.33 21.77
CA LEU D 93 -0.07 -7.84 22.10
C LEU D 93 -0.16 -7.11 23.43
N PRO D 94 0.90 -7.19 24.25
CA PRO D 94 0.88 -6.55 25.56
C PRO D 94 0.81 -5.02 25.61
N GLU D 95 1.22 -4.35 24.54
CA GLU D 95 1.18 -2.87 24.49
C GLU D 95 0.39 -2.44 23.24
N PRO D 96 -0.41 -1.36 23.36
CA PRO D 96 -1.14 -0.95 22.14
C PRO D 96 -0.16 -0.46 21.10
N VAL D 97 -0.59 -0.38 19.84
CA VAL D 97 0.27 0.11 18.79
C VAL D 97 -0.37 1.33 18.11
N ASP D 98 0.46 2.13 17.48
CA ASP D 98 0.05 3.29 16.73
C ASP D 98 -0.45 2.97 15.31
N ALA D 99 0.01 1.86 14.75
CA ALA D 99 -0.45 1.43 13.43
C ALA D 99 -0.35 -0.04 13.27
N ILE D 100 -1.28 -0.58 12.49
CA ILE D 100 -1.26 -1.96 12.10
C ILE D 100 -1.18 -2.03 10.59
N THR D 101 -0.23 -2.80 10.09
CA THR D 101 -0.07 -2.97 8.63
C THR D 101 -0.37 -4.41 8.26
N ILE D 102 -1.19 -4.61 7.21
CA ILE D 102 -1.54 -5.93 6.70
C ILE D 102 -1.27 -5.83 5.19
N LEU D 103 -0.05 -6.16 4.82
CA LEU D 103 0.48 -5.86 3.50
C LEU D 103 0.55 -7.03 2.54
N CYS D 104 0.70 -6.69 1.24
CA CYS D 104 0.88 -7.66 0.15
C CYS D 104 -0.21 -8.70 0.09
N ASP D 105 -1.45 -8.21 0.02
CA ASP D 105 -2.66 -9.01 -0.12
C ASP D 105 -2.82 -10.14 0.95
N SER D 106 -2.13 -9.99 2.10
CA SER D 106 -2.26 -10.92 3.20
C SER D 106 -3.70 -10.98 3.71
N LEU D 107 -4.40 -9.87 3.63
CA LEU D 107 -5.77 -9.82 4.11
C LEU D 107 -6.64 -10.71 3.24
N ASN D 108 -6.27 -10.87 1.97
CA ASN D 108 -7.05 -11.71 1.05
C ASN D 108 -7.04 -13.21 1.34
N TYR D 109 -6.15 -13.69 2.19
CA TYR D 109 -6.16 -15.08 2.63
C TYR D 109 -7.34 -15.43 3.57
N LEU D 110 -7.98 -14.42 4.13
CA LEU D 110 -9.15 -14.66 4.95
C LEU D 110 -10.17 -15.27 4.03
N GLN D 111 -11.04 -16.10 4.57
CA GLN D 111 -11.98 -16.80 3.73
C GLN D 111 -13.43 -16.37 3.78
N THR D 112 -13.88 -15.83 4.91
CA THR D 112 -15.26 -15.42 5.05
C THR D 112 -15.38 -13.95 5.41
N GLU D 113 -16.59 -13.42 5.30
CA GLU D 113 -16.85 -12.03 5.67
C GLU D 113 -16.58 -11.87 7.18
N ALA D 114 -17.04 -12.85 7.97
CA ALA D 114 -16.86 -12.87 9.43
C ALA D 114 -15.40 -12.75 9.79
N ASP D 115 -14.53 -13.47 9.09
CA ASP D 115 -13.03 -13.37 9.31
C ASP D 115 -12.54 -11.96 9.18
N VAL D 116 -13.04 -11.25 8.14
CA VAL D 116 -12.62 -9.88 7.88
C VAL D 116 -13.12 -9.01 9.03
N LYS D 117 -14.39 -9.12 9.41
CA LYS D 117 -14.90 -8.34 10.55
C LYS D 117 -14.13 -8.64 11.84
N GLN D 118 -13.80 -9.92 12.07
CA GLN D 118 -13.06 -10.29 13.28
C GLN D 118 -11.71 -9.65 13.27
N THR D 119 -11.07 -9.67 12.10
CA THR D 119 -9.73 -9.01 11.93
C THR D 119 -9.79 -7.50 12.20
N PHE D 120 -10.78 -6.81 11.61
CA PHE D 120 -10.95 -5.37 11.81
C PHE D 120 -11.26 -5.02 13.27
N ASP D 121 -12.15 -5.79 13.92
CA ASP D 121 -12.41 -5.64 15.37
C ASP D 121 -11.15 -5.83 16.19
N SER D 122 -10.37 -6.85 15.86
CA SER D 122 -9.11 -7.10 16.56
C SER D 122 -8.09 -5.95 16.42
N ALA D 123 -8.02 -5.39 15.22
CA ALA D 123 -7.14 -4.25 14.96
C ALA D 123 -7.56 -3.06 15.82
N ALA D 124 -8.87 -2.79 15.87
CA ALA D 124 -9.44 -1.69 16.64
C ALA D 124 -9.11 -1.81 18.14
N ARG D 125 -9.16 -3.02 18.68
CA ARG D 125 -8.85 -3.23 20.07
C ARG D 125 -7.39 -2.96 20.35
N LEU D 126 -6.49 -3.24 19.42
CA LEU D 126 -5.02 -3.08 19.63
C LEU D 126 -4.49 -1.68 19.38
N LEU D 127 -5.24 -0.90 18.60
CA LEU D 127 -4.85 0.43 18.26
C LEU D 127 -5.15 1.49 19.32
N THR D 128 -4.21 2.40 19.44
CA THR D 128 -4.37 3.54 20.32
CA THR D 128 -4.33 3.59 20.27
C THR D 128 -5.34 4.51 19.58
N ASP D 129 -5.82 5.55 20.27
CA ASP D 129 -6.78 6.49 19.65
C ASP D 129 -6.15 7.15 18.46
N GLY D 130 -6.86 7.17 17.34
CA GLY D 130 -6.31 7.79 16.15
C GLY D 130 -5.31 6.91 15.45
N GLY D 131 -5.12 5.68 15.95
CA GLY D 131 -4.21 4.75 15.34
C GLY D 131 -4.72 4.33 13.97
N LYS D 132 -3.80 3.96 13.12
CA LYS D 132 -4.08 3.67 11.72
C LYS D 132 -3.99 2.20 11.40
N LEU D 133 -4.84 1.78 10.49
CA LEU D 133 -4.86 0.46 9.93
C LEU D 133 -4.60 0.65 8.46
N LEU D 134 -3.52 0.02 7.99
CA LEU D 134 -3.16 0.08 6.57
C LEU D 134 -3.14 -1.30 5.98
N PHE D 135 -3.81 -1.48 4.84
CA PHE D 135 -3.82 -2.75 4.13
C PHE D 135 -3.99 -2.58 2.61
N ASP D 136 -3.47 -3.55 1.85
CA ASP D 136 -3.67 -3.57 0.40
C ASP D 136 -4.24 -4.91 0.00
N VAL D 137 -5.14 -4.88 -0.97
CA VAL D 137 -5.81 -6.07 -1.43
C VAL D 137 -5.89 -6.10 -2.94
N HIS D 138 -6.14 -7.29 -3.48
CA HIS D 138 -6.40 -7.47 -4.90
C HIS D 138 -7.72 -6.79 -5.23
N SER D 139 -7.76 -6.18 -6.41
CA SER D 139 -8.94 -5.53 -6.90
C SER D 139 -9.79 -6.63 -7.53
N PRO D 140 -11.11 -6.42 -7.68
CA PRO D 140 -11.90 -7.40 -8.38
C PRO D 140 -11.38 -7.66 -9.80
N TYR D 141 -10.89 -6.60 -10.46
CA TYR D 141 -10.32 -6.69 -11.81
C TYR D 141 -9.15 -7.66 -11.89
N LYS D 142 -8.25 -7.63 -10.91
CA LYS D 142 -7.13 -8.57 -10.88
C LYS D 142 -7.63 -10.02 -10.83
N GLU D 144 -10.38 -11.16 -12.06
CA GLU D 144 -11.00 -11.46 -13.33
C GLU D 144 -10.06 -11.53 -14.53
N THR D 145 -8.78 -11.22 -14.31
CA THR D 145 -7.80 -11.23 -15.39
C THR D 145 -6.58 -12.11 -15.07
N LEU D 146 -5.77 -11.66 -14.13
CA LEU D 146 -4.50 -12.31 -13.80
C LEU D 146 -4.61 -13.62 -13.04
N PHE D 147 -5.75 -13.83 -12.39
CA PHE D 147 -5.97 -15.06 -11.65
C PHE D 147 -7.10 -15.84 -12.26
N ASN D 148 -7.45 -15.48 -13.49
CA ASN D 148 -8.51 -16.13 -14.23
C ASN D 148 -7.99 -17.26 -15.15
N GLY D 149 -7.57 -18.36 -14.56
CA GLY D 149 -7.07 -19.51 -15.31
C GLY D 149 -5.72 -19.29 -15.95
N LYS D 150 -4.78 -18.78 -15.17
CA LYS D 150 -3.41 -18.46 -15.64
C LYS D 150 -2.32 -19.34 -15.02
N THR D 151 -1.18 -19.43 -15.70
CA THR D 151 -0.04 -20.26 -15.24
C THR D 151 1.21 -19.41 -15.16
N TYR D 152 1.91 -19.53 -14.03
CA TYR D 152 3.13 -18.81 -13.80
C TYR D 152 4.16 -19.87 -13.43
N ALA D 153 5.37 -19.72 -13.94
CA ALA D 153 6.43 -20.66 -13.60
C ALA D 153 7.76 -20.00 -13.85
N THR D 154 8.74 -20.35 -13.04
CA THR D 154 10.10 -19.90 -13.27
C THR D 154 11.05 -20.75 -12.45
N HIS D 155 12.33 -20.53 -12.68
CA HIS D 155 13.39 -21.24 -12.02
C HIS D 155 14.17 -20.22 -11.22
N ALA D 156 14.46 -20.51 -9.96
CA ALA D 156 15.36 -19.68 -9.16
C ALA D 156 16.55 -20.59 -8.89
N GLU D 157 17.54 -20.07 -8.16
CA GLU D 157 18.74 -20.85 -7.83
C GLU D 157 18.45 -22.16 -7.08
N GLN D 158 17.64 -22.06 -6.01
CA GLN D 158 17.36 -23.20 -5.13
C GLN D 158 16.13 -24.01 -5.50
N SER D 159 15.20 -23.41 -6.24
CA SER D 159 13.99 -24.10 -6.62
C SER D 159 13.34 -23.55 -7.88
N SER D 160 12.36 -24.31 -8.37
CA SER D 160 11.53 -23.93 -9.50
C SER D 160 10.08 -24.07 -9.02
N TYR D 161 9.17 -23.33 -9.63
CA TYR D 161 7.77 -23.47 -9.24
C TYR D 161 6.88 -23.37 -10.44
N ILE D 162 5.73 -23.99 -10.29
CA ILE D 162 4.66 -23.97 -11.29
C ILE D 162 3.45 -23.54 -10.47
N TRP D 163 2.77 -22.48 -10.92
CA TRP D 163 1.69 -21.89 -10.19
C TRP D 163 0.51 -21.64 -11.09
N PHE D 164 -0.59 -22.29 -10.75
CA PHE D 164 -1.84 -22.16 -11.51
C PHE D 164 -2.76 -21.29 -10.67
N ALA D 165 -3.35 -20.26 -11.29
CA ALA D 165 -4.27 -19.38 -10.58
C ALA D 165 -5.61 -19.50 -11.25
N ASP D 166 -6.58 -20.05 -10.52
CA ASP D 166 -7.92 -20.31 -11.07
C ASP D 166 -9.04 -19.79 -10.18
N PRO D 167 -10.17 -19.39 -10.78
CA PRO D 167 -11.24 -18.91 -9.92
C PRO D 167 -11.69 -20.00 -8.94
N GLY D 168 -12.16 -19.58 -7.77
CA GLY D 168 -12.69 -20.49 -6.78
C GLY D 168 -14.19 -20.47 -6.88
N GLU D 169 -14.85 -21.10 -5.92
CA GLU D 169 -16.31 -21.20 -5.92
C GLU D 169 -17.03 -19.86 -5.69
N GLU D 170 -16.57 -19.09 -4.71
CA GLU D 170 -17.19 -17.82 -4.38
C GLU D 170 -16.77 -16.71 -5.31
N PRO D 171 -17.60 -15.66 -5.40
CA PRO D 171 -17.27 -14.52 -6.24
C PRO D 171 -15.93 -13.90 -5.84
N LEU D 172 -15.14 -13.50 -6.83
CA LEU D 172 -13.86 -12.83 -6.60
C LEU D 172 -12.90 -13.65 -5.73
N SER D 173 -12.91 -14.97 -5.94
CA SER D 173 -12.03 -15.89 -5.22
C SER D 173 -11.03 -16.55 -6.16
N VAL D 174 -9.88 -16.94 -5.61
CA VAL D 174 -8.88 -17.61 -6.40
C VAL D 174 -8.37 -18.82 -5.62
N VAL D 175 -8.05 -19.86 -6.37
CA VAL D 175 -7.40 -21.05 -5.83
C VAL D 175 -6.00 -21.05 -6.47
N HIS D 176 -4.97 -20.84 -5.65
CA HIS D 176 -3.60 -20.91 -6.12
C HIS D 176 -3.02 -22.32 -5.88
N GLU D 177 -2.81 -23.07 -6.96
CA GLU D 177 -2.22 -24.40 -6.87
C GLU D 177 -0.72 -24.24 -7.20
N LEU D 178 0.11 -24.33 -6.16
CA LEU D 178 1.56 -24.20 -6.25
C LEU D 178 2.31 -25.52 -6.11
N THR D 179 3.33 -25.69 -6.95
CA THR D 179 4.21 -26.83 -6.87
C THR D 179 5.64 -26.34 -6.87
N PHE D 180 6.41 -26.74 -5.87
CA PHE D 180 7.79 -26.38 -5.80
C PHE D 180 8.64 -27.61 -6.03
N PHE D 181 9.71 -27.43 -6.81
CA PHE D 181 10.71 -28.47 -7.00
C PHE D 181 11.93 -27.85 -6.37
N ILE D 182 12.35 -28.43 -5.26
CA ILE D 182 13.48 -27.91 -4.48
C ILE D 182 14.68 -28.80 -4.69
N GLU D 183 15.80 -28.20 -5.08
CA GLU D 183 17.02 -28.95 -5.30
C GLU D 183 17.59 -29.44 -3.99
N GLY D 184 17.95 -30.71 -3.95
CA GLY D 184 18.48 -31.31 -2.74
C GLY D 184 19.99 -31.21 -2.77
N GLU D 185 20.64 -31.62 -1.68
CA GLU D 185 22.10 -31.60 -1.62
C GLU D 185 22.69 -32.42 -2.77
N ASP D 186 22.01 -33.52 -3.14
CA ASP D 186 22.50 -34.41 -4.19
C ASP D 186 22.11 -34.03 -5.63
N GLY D 187 21.50 -32.87 -5.83
CA GLY D 187 21.11 -32.44 -7.18
C GLY D 187 19.78 -32.95 -7.69
N ARG D 188 19.16 -33.90 -6.98
CA ARG D 188 17.82 -34.39 -7.31
C ARG D 188 16.84 -33.46 -6.59
N TYR D 189 15.57 -33.53 -6.98
CA TYR D 189 14.58 -32.62 -6.46
C TYR D 189 13.49 -33.26 -5.63
N ASP D 190 13.06 -32.51 -4.62
CA ASP D 190 11.92 -32.87 -3.77
C ASP D 190 10.77 -31.97 -4.14
N ARG D 191 9.60 -32.58 -4.30
CA ARG D 191 8.39 -31.86 -4.70
C ARG D 191 7.53 -31.52 -3.49
N VAL D 192 7.02 -30.28 -3.48
CA VAL D 192 6.13 -29.81 -2.44
C VAL D 192 4.97 -29.08 -3.13
N ASP D 193 3.75 -29.56 -2.91
CA ASP D 193 2.54 -28.93 -3.45
C ASP D 193 1.82 -28.20 -2.33
N GLU D 194 1.33 -27.01 -2.63
CA GLU D 194 0.52 -26.24 -1.67
C GLU D 194 -0.65 -25.65 -2.40
N THR D 195 -1.77 -25.49 -1.69
CA THR D 195 -2.96 -24.85 -2.24
C THR D 195 -3.23 -23.65 -1.33
N HIS D 196 -3.33 -22.46 -1.94
CA HIS D 196 -3.63 -21.22 -1.22
C HIS D 196 -4.94 -20.65 -1.74
N HIS D 197 -5.73 -20.13 -0.81
CA HIS D 197 -7.02 -19.55 -1.11
C HIS D 197 -7.02 -18.08 -0.77
N GLN D 198 -7.43 -17.29 -1.76
CA GLN D 198 -7.58 -15.85 -1.57
C GLN D 198 -8.93 -15.39 -2.09
N ARG D 199 -9.45 -14.35 -1.47
CA ARG D 199 -10.75 -13.83 -1.87
C ARG D 199 -10.77 -12.34 -1.59
N THR D 200 -11.32 -11.59 -2.52
CA THR D 200 -11.41 -10.17 -2.38
C THR D 200 -12.84 -9.72 -2.54
N TYR D 201 -13.06 -8.42 -2.38
CA TYR D 201 -14.40 -7.82 -2.45
C TYR D 201 -14.26 -6.44 -3.10
N PRO D 202 -15.35 -5.89 -3.63
CA PRO D 202 -15.17 -4.51 -4.13
C PRO D 202 -14.80 -3.56 -2.97
N PRO D 203 -14.11 -2.47 -3.26
CA PRO D 203 -13.68 -1.60 -2.16
C PRO D 203 -14.80 -1.07 -1.26
N GLU D 204 -15.98 -0.86 -1.82
CA GLU D 204 -17.12 -0.36 -1.06
C GLU D 204 -17.43 -1.27 0.12
N GLN D 205 -17.18 -2.57 -0.05
CA GLN D 205 -17.45 -3.56 1.00
C GLN D 205 -16.46 -3.44 2.13
N TYR D 206 -15.18 -3.29 1.80
CA TYR D 206 -14.17 -3.09 2.80
C TYR D 206 -14.41 -1.80 3.60
N ILE D 207 -14.84 -0.76 2.90
CA ILE D 207 -15.18 0.53 3.50
C ILE D 207 -16.32 0.34 4.51
N THR D 208 -17.38 -0.36 4.11
CA THR D 208 -18.49 -0.66 5.00
C THR D 208 -18.04 -1.42 6.24
N TRP D 209 -17.21 -2.46 6.06
CA TRP D 209 -16.72 -3.21 7.21
C TRP D 209 -15.82 -2.38 8.10
N LEU D 210 -14.97 -1.55 7.51
CA LEU D 210 -14.12 -0.70 8.31
C LEU D 210 -14.96 0.25 9.18
N ARG D 211 -15.99 0.85 8.59
CA ARG D 211 -16.87 1.73 9.34
C ARG D 211 -17.62 0.94 10.42
N GLU D 212 -18.10 -0.25 10.12
CA GLU D 212 -18.75 -1.07 11.14
C GLU D 212 -17.80 -1.32 12.29
N ALA D 213 -16.50 -1.55 11.98
CA ALA D 213 -15.53 -1.85 13.04
C ALA D 213 -14.99 -0.65 13.81
N GLY D 214 -15.49 0.55 13.54
CA GLY D 214 -15.11 1.73 14.29
C GLY D 214 -13.96 2.56 13.70
N PHE D 215 -13.77 2.50 12.38
CA PHE D 215 -12.71 3.23 11.70
C PHE D 215 -13.30 4.31 10.82
N ARG D 216 -12.51 5.36 10.65
CA ARG D 216 -12.80 6.40 9.69
C ARG D 216 -11.91 6.04 8.49
N VAL D 217 -12.47 5.97 7.28
CA VAL D 217 -11.65 5.68 6.09
C VAL D 217 -10.97 6.97 5.59
N CYS D 218 -9.65 6.95 5.53
CA CYS D 218 -8.89 8.11 5.14
C CYS D 218 -8.56 8.15 3.66
N ALA D 219 -8.26 6.99 3.11
CA ALA D 219 -7.80 6.87 1.74
C ALA D 219 -8.04 5.50 1.16
N VAL D 220 -8.49 5.49 -0.09
CA VAL D 220 -8.65 4.31 -0.92
C VAL D 220 -8.02 4.69 -2.26
N THR D 221 -6.90 4.04 -2.55
CA THR D 221 -6.12 4.33 -3.72
C THR D 221 -5.72 3.06 -4.48
N GLY D 222 -5.21 3.30 -5.68
CA GLY D 222 -4.84 2.25 -6.58
C GLY D 222 -3.37 2.24 -6.95
N ASP D 223 -2.80 1.04 -6.93
CA ASP D 223 -1.46 0.76 -7.49
C ASP D 223 -0.31 1.70 -7.12
N PHE D 224 -0.20 2.02 -5.84
CA PHE D 224 0.82 2.91 -5.30
C PHE D 224 0.66 4.39 -5.67
N LYS D 225 -0.41 4.74 -6.38
CA LYS D 225 -0.64 6.13 -6.74
C LYS D 225 -1.53 6.72 -5.66
N SER D 226 -1.70 8.04 -5.66
CA SER D 226 -2.51 8.67 -4.64
C SER D 226 -3.89 9.05 -5.16
N ASP D 227 -4.29 8.41 -6.26
CA ASP D 227 -5.57 8.66 -6.87
C ASP D 227 -6.52 7.53 -6.48
N ALA D 228 -7.81 7.79 -6.63
CA ALA D 228 -8.83 6.80 -6.43
C ALA D 228 -8.54 5.69 -7.45
N PRO D 229 -8.86 4.44 -7.11
CA PRO D 229 -8.54 3.36 -8.04
C PRO D 229 -9.31 3.49 -9.37
N THR D 230 -8.63 3.16 -10.47
CA THR D 230 -9.26 3.18 -11.78
C THR D 230 -9.92 1.83 -12.02
N GLU D 231 -10.54 1.69 -13.18
CA GLU D 231 -11.26 0.47 -13.55
C GLU D 231 -10.33 -0.73 -13.73
N THR D 232 -9.07 -0.47 -14.04
CA THR D 232 -8.07 -1.53 -14.25
C THR D 232 -6.96 -1.60 -13.18
N ALA D 233 -7.20 -0.99 -12.02
CA ALA D 233 -6.25 -1.05 -10.94
C ALA D 233 -6.15 -2.50 -10.52
N GLU D 234 -4.94 -2.92 -10.20
CA GLU D 234 -4.70 -4.30 -9.77
C GLU D 234 -4.64 -4.46 -8.27
N ARG D 235 -4.16 -3.42 -7.58
CA ARG D 235 -4.03 -3.50 -6.12
C ARG D 235 -4.67 -2.27 -5.52
N ILE D 236 -5.49 -2.47 -4.49
CA ILE D 236 -6.19 -1.37 -3.83
C ILE D 236 -5.65 -1.20 -2.42
N PHE D 237 -5.27 0.04 -2.11
CA PHE D 237 -4.69 0.45 -0.83
C PHE D 237 -5.68 1.18 0.05
N PHE D 238 -5.75 0.75 1.31
CA PHE D 238 -6.66 1.34 2.30
C PHE D 238 -5.92 1.90 3.50
N VAL D 239 -6.28 3.12 3.88
CA VAL D 239 -5.77 3.76 5.10
C VAL D 239 -7.01 4.13 5.92
N ALA D 240 -7.08 3.62 7.14
CA ALA D 240 -8.21 3.87 8.05
C ALA D 240 -7.64 4.31 9.40
N GLU D 241 -8.43 5.03 10.15
CA GLU D 241 -8.05 5.54 11.44
C GLU D 241 -9.11 5.17 12.49
N LYS D 242 -8.66 4.73 13.66
CA LYS D 242 -9.56 4.35 14.73
C LYS D 242 -10.24 5.58 15.31
N ILE D 243 -11.56 5.55 15.34
CA ILE D 243 -12.36 6.64 15.88
C ILE D 243 -12.35 6.55 17.41
#